data_9FA8
#
_entry.id   9FA8
#
_entity_poly.entity_id   1
_entity_poly.type   'polypeptide(L)'
_entity_poly.pdbx_seq_one_letter_code
;HTTYKLVINGKTLKGETTTEPPDTNRDGRVDYKDAEKVFKQYANDNGVDGEWTYDDATKTFTVTE
;
_entity_poly.pdbx_strand_id   A
#
# COMPACT_ATOMS: atom_id res chain seq x y z
N HIS A 1 -14.19 5.49 -3.85
CA HIS A 1 -12.80 5.28 -3.45
C HIS A 1 -12.00 4.62 -4.56
N THR A 2 -10.67 4.63 -4.41
CA THR A 2 -9.80 3.95 -5.35
C THR A 2 -9.10 2.76 -4.68
N THR A 3 -9.16 1.60 -5.32
CA THR A 3 -8.61 0.38 -4.75
C THR A 3 -7.11 0.29 -4.99
N TYR A 4 -6.35 0.10 -3.92
CA TYR A 4 -4.92 -0.15 -4.02
C TYR A 4 -4.54 -1.47 -3.34
N LYS A 5 -3.48 -2.10 -3.84
CA LYS A 5 -3.05 -3.38 -3.32
C LYS A 5 -1.60 -3.34 -2.86
N LEU A 6 -1.31 -4.05 -1.78
CA LEU A 6 0.06 -4.16 -1.29
C LEU A 6 0.55 -5.60 -1.34
N VAL A 7 1.68 -5.81 -2.01
CA VAL A 7 2.28 -7.14 -2.09
C VAL A 7 3.62 -7.18 -1.37
N ILE A 8 3.70 -7.98 -0.31
CA ILE A 8 4.90 -8.06 0.50
C ILE A 8 5.64 -9.37 0.26
N ASN A 9 6.91 -9.27 -0.11
CA ASN A 9 7.76 -10.44 -0.29
C ASN A 9 9.08 -10.28 0.44
N GLY A 10 9.05 -10.43 1.76
CA GLY A 10 10.26 -10.33 2.57
C GLY A 10 10.88 -11.70 2.81
N LYS A 11 11.82 -11.76 3.74
CA LYS A 11 12.47 -13.02 4.09
C LYS A 11 11.52 -13.94 4.86
N THR A 12 11.02 -13.45 5.99
CA THR A 12 10.14 -14.22 6.84
C THR A 12 8.71 -13.67 6.78
N LEU A 13 8.58 -12.41 6.43
CA LEU A 13 7.28 -11.76 6.36
C LEU A 13 6.83 -11.58 4.91
N LYS A 14 5.57 -11.93 4.66
CA LYS A 14 5.01 -11.80 3.31
C LYS A 14 3.48 -11.88 3.34
N GLY A 15 2.85 -11.46 2.26
CA GLY A 15 1.40 -11.53 2.13
C GLY A 15 0.87 -10.40 1.25
N GLU A 16 -0.41 -10.47 0.93
CA GLU A 16 -1.06 -9.45 0.11
C GLU A 16 -2.29 -8.89 0.81
N THR A 17 -2.50 -7.58 0.65
CA THR A 17 -3.66 -6.92 1.26
C THR A 17 -4.05 -5.68 0.46
N THR A 18 -5.33 -5.33 0.51
CA THR A 18 -5.83 -4.13 -0.15
C THR A 18 -6.45 -3.16 0.84
N THR A 19 -6.65 -1.92 0.41
CA THR A 19 -7.28 -0.91 1.25
C THR A 19 -7.90 0.20 0.40
N GLU A 20 -8.89 0.88 0.96
CA GLU A 20 -9.48 2.05 0.30
C GLU A 20 -9.63 3.20 1.29
N PRO A 21 -8.64 4.10 1.29
CA PRO A 21 -8.63 5.23 2.21
C PRO A 21 -9.89 6.07 2.05
N PRO A 22 -10.46 6.50 3.17
CA PRO A 22 -11.65 7.35 3.15
C PRO A 22 -11.43 8.60 2.33
N ASP A 23 -12.32 8.85 1.38
CA ASP A 23 -12.27 10.06 0.57
C ASP A 23 -12.91 11.23 1.29
N THR A 24 -12.17 11.78 2.25
CA THR A 24 -12.69 12.86 3.08
C THR A 24 -12.72 14.18 2.32
N ASN A 25 -12.01 14.22 1.21
CA ASN A 25 -11.97 15.41 0.36
C ASN A 25 -13.17 15.45 -0.58
N ARG A 26 -13.88 14.34 -0.68
CA ARG A 26 -15.02 14.22 -1.59
C ARG A 26 -14.60 14.50 -3.03
N ASP A 27 -13.41 14.01 -3.40
CA ASP A 27 -12.90 14.22 -4.74
C ASP A 27 -13.52 13.24 -5.73
N GLY A 28 -13.89 12.06 -5.23
CA GLY A 28 -14.41 11.00 -6.08
C GLY A 28 -13.35 9.96 -6.38
N ARG A 29 -12.18 10.13 -5.78
CA ARG A 29 -11.07 9.21 -5.98
C ARG A 29 -10.02 9.37 -4.88
N VAL A 30 -9.13 8.38 -4.78
CA VAL A 30 -8.10 8.40 -3.75
C VAL A 30 -6.71 8.30 -4.37
N ASP A 31 -5.82 9.20 -3.96
CA ASP A 31 -4.44 9.18 -4.42
C ASP A 31 -3.65 8.04 -3.78
N TYR A 32 -2.69 7.51 -4.51
CA TYR A 32 -1.86 6.41 -4.00
C TYR A 32 -1.07 6.84 -2.77
N LYS A 33 -0.81 8.14 -2.66
CA LYS A 33 -0.06 8.68 -1.54
C LYS A 33 -0.79 8.43 -0.23
N ASP A 34 -2.12 8.53 -0.26
CA ASP A 34 -2.93 8.22 0.92
C ASP A 34 -2.91 6.73 1.22
N ALA A 35 -3.06 5.91 0.19
CA ALA A 35 -3.01 4.47 0.35
C ALA A 35 -1.65 4.01 0.84
N GLU A 36 -0.61 4.69 0.36
CA GLU A 36 0.75 4.40 0.80
C GLU A 36 0.89 4.53 2.32
N LYS A 37 0.43 5.66 2.84
CA LYS A 37 0.50 5.91 4.28
C LYS A 37 -0.28 4.85 5.06
N VAL A 38 -1.44 4.48 4.53
CA VAL A 38 -2.26 3.44 5.16
C VAL A 38 -1.55 2.09 5.14
N PHE A 39 -0.93 1.77 4.01
CA PHE A 39 -0.21 0.52 3.88
C PHE A 39 1.03 0.48 4.77
N LYS A 40 1.65 1.64 4.96
CA LYS A 40 2.78 1.76 5.86
C LYS A 40 2.35 1.56 7.31
N GLN A 41 1.13 2.00 7.62
CA GLN A 41 0.52 1.72 8.92
C GLN A 41 0.26 0.23 9.10
N TYR A 42 -0.19 -0.42 8.03
CA TYR A 42 -0.37 -1.87 8.03
C TYR A 42 0.96 -2.59 8.25
N ALA A 43 2.01 -2.08 7.64
CA ALA A 43 3.35 -2.63 7.84
C ALA A 43 3.82 -2.44 9.27
N ASN A 44 3.52 -1.26 9.83
CA ASN A 44 3.87 -0.97 11.21
C ASN A 44 3.16 -1.92 12.17
N ASP A 45 1.92 -2.25 11.85
CA ASP A 45 1.12 -3.17 12.67
C ASP A 45 1.64 -4.60 12.54
N ASN A 46 2.06 -4.96 11.34
CA ASN A 46 2.52 -6.32 11.08
C ASN A 46 4.00 -6.48 11.40
N GLY A 47 4.70 -5.35 11.50
CA GLY A 47 6.12 -5.36 11.79
C GLY A 47 6.95 -5.55 10.53
N VAL A 48 6.38 -5.16 9.39
CA VAL A 48 7.05 -5.30 8.11
C VAL A 48 7.91 -4.08 7.80
N ASP A 49 9.14 -4.32 7.36
CA ASP A 49 10.07 -3.23 7.04
C ASP A 49 11.04 -3.65 5.93
N GLY A 50 10.75 -3.22 4.71
CA GLY A 50 11.59 -3.54 3.57
C GLY A 50 11.68 -2.36 2.60
N GLU A 51 11.91 -2.67 1.33
CA GLU A 51 12.03 -1.64 0.30
C GLU A 51 10.67 -1.37 -0.37
N TRP A 52 10.20 -0.14 -0.26
CA TRP A 52 8.90 0.23 -0.81
C TRP A 52 9.02 0.67 -2.27
N THR A 53 8.22 0.07 -3.13
CA THR A 53 8.07 0.54 -4.50
C THR A 53 6.61 0.67 -4.89
N TYR A 54 6.36 1.27 -6.05
CA TYR A 54 5.00 1.50 -6.52
C TYR A 54 4.92 1.42 -8.03
N ASP A 55 3.99 0.61 -8.53
CA ASP A 55 3.79 0.46 -9.97
C ASP A 55 2.73 1.44 -10.47
N ASP A 56 3.16 2.41 -11.27
CA ASP A 56 2.25 3.41 -11.82
C ASP A 56 1.25 2.76 -12.79
N ALA A 57 1.70 1.70 -13.46
CA ALA A 57 0.91 1.09 -14.53
C ALA A 57 -0.34 0.41 -13.97
N THR A 58 -0.17 -0.31 -12.87
CA THR A 58 -1.25 -1.10 -12.30
C THR A 58 -1.68 -0.55 -10.95
N LYS A 59 -0.98 0.48 -10.47
CA LYS A 59 -1.27 1.08 -9.18
C LYS A 59 -1.10 0.07 -8.05
N THR A 60 0.09 -0.51 -7.96
CA THR A 60 0.33 -1.59 -7.00
C THR A 60 1.56 -1.28 -6.14
N PHE A 61 1.45 -1.54 -4.84
CA PHE A 61 2.56 -1.36 -3.93
C PHE A 61 3.28 -2.69 -3.69
N THR A 62 4.60 -2.62 -3.57
CA THR A 62 5.42 -3.80 -3.33
C THR A 62 6.47 -3.54 -2.26
N VAL A 63 6.61 -4.48 -1.34
CA VAL A 63 7.67 -4.42 -0.33
C VAL A 63 8.53 -5.68 -0.38
N THR A 64 9.84 -5.49 -0.58
CA THR A 64 10.76 -6.61 -0.67
C THR A 64 11.81 -6.55 0.43
N GLU A 65 12.35 -7.70 0.81
CA GLU A 65 13.41 -7.77 1.81
C GLU A 65 14.59 -6.89 1.43
N HIS A 1 -13.35 5.81 -8.54
CA HIS A 1 -12.34 5.68 -7.50
C HIS A 1 -11.45 4.46 -7.77
N THR A 2 -10.25 4.48 -7.18
CA THR A 2 -9.27 3.43 -7.42
C THR A 2 -8.96 2.66 -6.14
N THR A 3 -9.09 1.34 -6.20
CA THR A 3 -8.66 0.47 -5.11
C THR A 3 -7.19 0.10 -5.25
N TYR A 4 -6.44 0.26 -4.16
CA TYR A 4 -5.01 -0.01 -4.18
C TYR A 4 -4.67 -1.30 -3.46
N LYS A 5 -3.60 -1.95 -3.88
CA LYS A 5 -3.19 -3.23 -3.29
C LYS A 5 -1.75 -3.17 -2.80
N LEU A 6 -1.50 -3.85 -1.68
CA LEU A 6 -0.14 -3.99 -1.18
C LEU A 6 0.33 -5.43 -1.21
N VAL A 7 1.48 -5.67 -1.84
CA VAL A 7 2.07 -7.00 -1.90
C VAL A 7 3.42 -7.03 -1.20
N ILE A 8 3.50 -7.77 -0.11
CA ILE A 8 4.74 -7.89 0.65
C ILE A 8 5.40 -9.24 0.44
N ASN A 9 6.65 -9.24 -0.01
CA ASN A 9 7.42 -10.46 -0.15
C ASN A 9 8.77 -10.34 0.56
N GLY A 10 8.75 -10.46 1.88
CA GLY A 10 9.96 -10.38 2.69
C GLY A 10 10.59 -11.75 2.87
N LYS A 11 11.56 -11.84 3.78
CA LYS A 11 12.26 -13.09 4.05
C LYS A 11 11.52 -13.91 5.10
N THR A 12 10.93 -13.23 6.07
CA THR A 12 10.19 -13.89 7.13
C THR A 12 8.74 -13.43 7.16
N LEU A 13 8.49 -12.24 6.62
CA LEU A 13 7.15 -11.68 6.59
C LEU A 13 6.65 -11.49 5.17
N LYS A 14 5.36 -11.77 4.96
CA LYS A 14 4.75 -11.60 3.64
C LYS A 14 3.23 -11.61 3.73
N GLY A 15 2.58 -11.17 2.66
CA GLY A 15 1.12 -11.17 2.60
C GLY A 15 0.61 -10.07 1.68
N GLU A 16 -0.68 -10.12 1.38
CA GLU A 16 -1.30 -9.12 0.51
C GLU A 16 -2.52 -8.50 1.17
N THR A 17 -2.76 -7.22 0.90
CA THR A 17 -3.93 -6.52 1.43
C THR A 17 -4.30 -5.34 0.55
N THR A 18 -5.58 -4.96 0.60
CA THR A 18 -6.07 -3.86 -0.21
C THR A 18 -6.74 -2.80 0.66
N THR A 19 -6.87 -1.59 0.12
CA THR A 19 -7.58 -0.52 0.80
C THR A 19 -8.05 0.55 -0.17
N GLU A 20 -8.95 1.41 0.27
CA GLU A 20 -9.40 2.55 -0.53
C GLU A 20 -9.87 3.69 0.35
N PRO A 21 -8.97 4.62 0.63
CA PRO A 21 -9.29 5.79 1.46
C PRO A 21 -10.18 6.77 0.70
N PRO A 22 -10.80 7.68 1.43
CA PRO A 22 -11.71 8.65 0.85
C PRO A 22 -10.95 9.69 0.03
N ASP A 23 -11.64 10.33 -0.91
CA ASP A 23 -11.04 11.32 -1.77
C ASP A 23 -10.75 12.61 -1.00
N THR A 24 -9.48 12.88 -0.75
CA THR A 24 -9.07 14.07 -0.01
C THR A 24 -8.70 15.20 -0.95
N ASN A 25 -8.58 14.90 -2.24
CA ASN A 25 -8.20 15.88 -3.23
C ASN A 25 -9.43 16.46 -3.93
N ARG A 26 -10.57 15.80 -3.75
CA ARG A 26 -11.83 16.30 -4.29
C ARG A 26 -11.78 16.40 -5.81
N ASP A 27 -11.44 15.29 -6.46
CA ASP A 27 -11.40 15.23 -7.91
C ASP A 27 -12.02 13.94 -8.43
N GLY A 28 -12.53 13.12 -7.52
CA GLY A 28 -13.21 11.89 -7.89
C GLY A 28 -12.24 10.72 -7.96
N ARG A 29 -11.01 10.95 -7.49
CA ARG A 29 -9.98 9.92 -7.53
C ARG A 29 -9.39 9.69 -6.14
N VAL A 30 -8.92 8.47 -5.90
CA VAL A 30 -8.25 8.13 -4.64
C VAL A 30 -6.74 8.28 -4.76
N ASP A 31 -6.16 9.06 -3.87
CA ASP A 31 -4.73 9.36 -3.94
C ASP A 31 -3.90 8.24 -3.34
N TYR A 32 -2.98 7.70 -4.14
CA TYR A 32 -2.15 6.58 -3.71
C TYR A 32 -1.36 6.92 -2.46
N LYS A 33 -1.11 8.21 -2.26
CA LYS A 33 -0.34 8.67 -1.10
C LYS A 33 -1.07 8.35 0.20
N ASP A 34 -2.39 8.51 0.18
CA ASP A 34 -3.21 8.22 1.35
C ASP A 34 -3.37 6.71 1.56
N ALA A 35 -3.48 5.99 0.44
CA ALA A 35 -3.46 4.53 0.49
C ALA A 35 -2.11 4.01 0.99
N GLU A 36 -1.04 4.69 0.61
CA GLU A 36 0.29 4.36 1.10
C GLU A 36 0.37 4.51 2.61
N LYS A 37 -0.17 5.61 3.13
CA LYS A 37 -0.21 5.85 4.56
C LYS A 37 -0.82 4.66 5.30
N VAL A 38 -1.96 4.19 4.81
CA VAL A 38 -2.62 3.02 5.39
C VAL A 38 -1.75 1.78 5.27
N PHE A 39 -1.16 1.58 4.10
CA PHE A 39 -0.35 0.40 3.84
C PHE A 39 0.92 0.41 4.67
N LYS A 40 1.47 1.59 4.90
CA LYS A 40 2.65 1.76 5.74
C LYS A 40 2.36 1.32 7.18
N GLN A 41 1.19 1.69 7.68
CA GLN A 41 0.75 1.26 9.00
C GLN A 41 0.60 -0.26 9.07
N TYR A 42 0.05 -0.84 8.02
CA TYR A 42 -0.07 -2.29 7.91
C TYR A 42 1.30 -2.96 8.00
N ALA A 43 2.25 -2.46 7.22
CA ALA A 43 3.61 -2.98 7.25
C ALA A 43 4.24 -2.80 8.62
N ASN A 44 3.98 -1.65 9.25
CA ASN A 44 4.51 -1.36 10.57
C ASN A 44 3.95 -2.31 11.62
N ASP A 45 2.69 -2.67 11.46
CA ASP A 45 2.03 -3.61 12.36
C ASP A 45 2.67 -4.99 12.28
N ASN A 46 3.03 -5.39 11.07
CA ASN A 46 3.72 -6.66 10.86
C ASN A 46 5.20 -6.55 11.23
N GLY A 47 5.76 -5.37 11.06
CA GLY A 47 7.17 -5.14 11.35
C GLY A 47 8.03 -5.31 10.11
N VAL A 48 7.46 -5.01 8.95
CA VAL A 48 8.15 -5.17 7.69
C VAL A 48 8.99 -3.94 7.35
N ASP A 49 10.31 -4.10 7.35
CA ASP A 49 11.22 -3.00 7.08
C ASP A 49 12.02 -3.25 5.81
N GLY A 50 11.35 -3.75 4.78
CA GLY A 50 11.99 -4.05 3.51
C GLY A 50 11.97 -2.84 2.58
N GLU A 51 12.31 -3.06 1.32
CA GLU A 51 12.31 -1.98 0.32
C GLU A 51 10.89 -1.63 -0.10
N TRP A 52 10.57 -0.34 -0.06
CA TRP A 52 9.21 0.12 -0.34
C TRP A 52 9.12 0.77 -1.71
N THR A 53 8.43 0.11 -2.63
CA THR A 53 8.22 0.64 -3.97
C THR A 53 6.74 0.70 -4.32
N TYR A 54 6.43 1.31 -5.46
CA TYR A 54 5.05 1.48 -5.89
C TYR A 54 4.93 1.47 -7.41
N ASP A 55 4.01 0.66 -7.91
CA ASP A 55 3.76 0.59 -9.35
C ASP A 55 2.46 1.29 -9.72
N ASP A 56 2.58 2.50 -10.25
CA ASP A 56 1.42 3.30 -10.61
C ASP A 56 0.68 2.70 -11.79
N ALA A 57 1.39 1.93 -12.61
CA ALA A 57 0.81 1.29 -13.78
C ALA A 57 -0.29 0.30 -13.38
N THR A 58 -0.07 -0.39 -12.26
CA THR A 58 -1.02 -1.37 -11.77
C THR A 58 -1.62 -0.94 -10.43
N LYS A 59 -1.24 0.25 -9.98
CA LYS A 59 -1.75 0.79 -8.73
C LYS A 59 -1.51 -0.17 -7.57
N THR A 60 -0.33 -0.78 -7.54
CA THR A 60 -0.01 -1.78 -6.53
C THR A 60 1.33 -1.48 -5.87
N PHE A 61 1.37 -1.58 -4.55
CA PHE A 61 2.60 -1.36 -3.81
C PHE A 61 3.37 -2.66 -3.62
N THR A 62 4.69 -2.60 -3.78
CA THR A 62 5.53 -3.80 -3.72
C THR A 62 6.62 -3.65 -2.67
N VAL A 63 6.67 -4.60 -1.75
CA VAL A 63 7.70 -4.60 -0.70
C VAL A 63 8.55 -5.86 -0.77
N THR A 64 9.87 -5.68 -0.81
CA THR A 64 10.79 -6.80 -0.92
C THR A 64 11.94 -6.67 0.07
N GLU A 65 12.24 -7.75 0.79
CA GLU A 65 13.34 -7.77 1.73
C GLU A 65 14.56 -8.45 1.13
N HIS A 1 -13.90 6.04 -5.50
CA HIS A 1 -12.59 5.86 -4.85
C HIS A 1 -11.62 5.14 -5.78
N THR A 2 -10.47 4.77 -5.24
CA THR A 2 -9.47 4.01 -6.02
C THR A 2 -8.95 2.83 -5.21
N THR A 3 -8.90 1.67 -5.85
CA THR A 3 -8.41 0.45 -5.20
C THR A 3 -6.90 0.32 -5.35
N TYR A 4 -6.22 0.14 -4.22
CA TYR A 4 -4.77 -0.06 -4.22
C TYR A 4 -4.40 -1.40 -3.61
N LYS A 5 -3.31 -1.99 -4.09
CA LYS A 5 -2.87 -3.29 -3.62
C LYS A 5 -1.50 -3.20 -2.96
N LEU A 6 -1.24 -4.09 -2.00
CA LEU A 6 0.06 -4.16 -1.36
C LEU A 6 0.63 -5.58 -1.45
N VAL A 7 1.85 -5.70 -1.95
CA VAL A 7 2.57 -6.97 -1.94
C VAL A 7 3.58 -7.01 -0.79
N ILE A 8 3.37 -7.95 0.13
CA ILE A 8 4.18 -8.03 1.34
C ILE A 8 5.17 -9.18 1.27
N ASN A 9 6.45 -8.85 1.32
CA ASN A 9 7.51 -9.87 1.31
C ASN A 9 8.35 -9.79 2.58
N GLY A 10 7.79 -10.23 3.69
CA GLY A 10 8.49 -10.25 4.97
C GLY A 10 9.36 -11.49 5.10
N LYS A 11 10.15 -11.54 6.16
CA LYS A 11 10.98 -12.70 6.45
C LYS A 11 10.13 -13.95 6.69
N THR A 12 9.13 -13.81 7.56
CA THR A 12 8.21 -14.91 7.86
C THR A 12 6.79 -14.53 7.50
N LEU A 13 6.53 -13.23 7.34
CA LEU A 13 5.20 -12.74 7.03
C LEU A 13 5.10 -12.29 5.58
N LYS A 14 4.60 -13.16 4.72
CA LYS A 14 4.37 -12.82 3.32
C LYS A 14 2.89 -12.94 2.96
N GLY A 15 2.45 -12.11 2.02
CA GLY A 15 1.06 -12.13 1.58
C GLY A 15 0.72 -10.86 0.79
N GLU A 16 -0.55 -10.74 0.41
CA GLU A 16 -1.01 -9.57 -0.33
C GLU A 16 -2.34 -9.06 0.22
N THR A 17 -2.51 -7.75 0.17
CA THR A 17 -3.75 -7.12 0.62
C THR A 17 -4.10 -5.91 -0.23
N THR A 18 -5.23 -5.28 0.08
CA THR A 18 -5.68 -4.09 -0.65
C THR A 18 -6.20 -3.03 0.31
N THR A 19 -6.52 -1.86 -0.24
CA THR A 19 -7.16 -0.80 0.53
C THR A 19 -8.07 0.04 -0.36
N GLU A 20 -9.16 0.55 0.22
CA GLU A 20 -10.08 1.40 -0.52
C GLU A 20 -10.61 2.53 0.36
N PRO A 21 -9.77 3.53 0.59
CA PRO A 21 -10.15 4.67 1.41
C PRO A 21 -11.38 5.37 0.84
N PRO A 22 -12.22 5.88 1.73
CA PRO A 22 -13.44 6.58 1.31
C PRO A 22 -13.11 7.95 0.73
N ASP A 23 -13.93 8.40 -0.22
CA ASP A 23 -13.71 9.67 -0.88
C ASP A 23 -14.27 10.82 -0.05
N THR A 24 -13.55 11.19 1.00
CA THR A 24 -13.99 12.25 1.90
C THR A 24 -13.64 13.63 1.35
N ASN A 25 -12.73 13.67 0.39
CA ASN A 25 -12.33 14.92 -0.24
C ASN A 25 -13.21 15.24 -1.44
N ARG A 26 -14.02 14.27 -1.85
CA ARG A 26 -14.90 14.44 -3.00
C ARG A 26 -14.10 14.72 -4.27
N ASP A 27 -13.06 13.92 -4.49
CA ASP A 27 -12.22 14.08 -5.67
C ASP A 27 -12.59 13.08 -6.76
N GLY A 28 -13.36 12.06 -6.38
CA GLY A 28 -13.73 11.01 -7.32
C GLY A 28 -12.68 9.91 -7.37
N ARG A 29 -11.71 9.99 -6.46
CA ARG A 29 -10.59 9.05 -6.45
C ARG A 29 -9.81 9.14 -5.14
N VAL A 30 -8.87 8.22 -4.96
CA VAL A 30 -8.00 8.24 -3.78
C VAL A 30 -6.55 8.46 -4.18
N ASP A 31 -5.89 9.40 -3.50
CA ASP A 31 -4.48 9.67 -3.75
C ASP A 31 -3.60 8.52 -3.25
N TYR A 32 -2.76 8.00 -4.14
CA TYR A 32 -1.92 6.86 -3.81
C TYR A 32 -1.04 7.15 -2.60
N LYS A 33 -0.75 8.44 -2.38
CA LYS A 33 0.06 8.86 -1.25
C LYS A 33 -0.60 8.49 0.07
N ASP A 34 -1.92 8.63 0.12
CA ASP A 34 -2.68 8.28 1.31
C ASP A 34 -2.84 6.77 1.45
N ALA A 35 -2.95 6.08 0.32
CA ALA A 35 -2.93 4.63 0.29
C ALA A 35 -1.60 4.10 0.81
N GLU A 36 -0.52 4.77 0.44
CA GLU A 36 0.81 4.44 0.96
C GLU A 36 0.86 4.56 2.47
N LYS A 37 0.26 5.63 3.00
CA LYS A 37 0.19 5.84 4.43
C LYS A 37 -0.47 4.66 5.14
N VAL A 38 -1.57 4.18 4.57
CA VAL A 38 -2.26 3.02 5.10
C VAL A 38 -1.37 1.78 5.06
N PHE A 39 -0.70 1.58 3.92
CA PHE A 39 0.15 0.41 3.74
C PHE A 39 1.43 0.53 4.55
N LYS A 40 1.83 1.76 4.86
CA LYS A 40 2.96 2.01 5.73
C LYS A 40 2.66 1.55 7.16
N GLN A 41 1.44 1.80 7.60
CA GLN A 41 0.98 1.29 8.90
C GLN A 41 0.96 -0.24 8.90
N TYR A 42 0.51 -0.83 7.80
CA TYR A 42 0.50 -2.27 7.65
C TYR A 42 1.92 -2.83 7.65
N ALA A 43 2.84 -2.11 7.04
CA ALA A 43 4.25 -2.46 7.07
C ALA A 43 4.80 -2.44 8.49
N ASN A 44 4.41 -1.43 9.25
CA ASN A 44 4.83 -1.30 10.64
C ASN A 44 4.22 -2.39 11.50
N ASP A 45 2.99 -2.76 11.18
CA ASP A 45 2.28 -3.79 11.94
C ASP A 45 2.92 -5.16 11.75
N ASN A 46 3.36 -5.43 10.52
CA ASN A 46 3.97 -6.72 10.20
C ASN A 46 5.47 -6.67 10.41
N GLY A 47 6.03 -5.47 10.41
CA GLY A 47 7.47 -5.29 10.57
C GLY A 47 8.20 -5.54 9.26
N VAL A 48 7.53 -5.28 8.15
CA VAL A 48 8.10 -5.54 6.83
C VAL A 48 8.45 -4.23 6.13
N ASP A 49 9.74 -3.96 6.01
CA ASP A 49 10.22 -2.71 5.43
C ASP A 49 11.71 -2.75 5.15
N GLY A 50 12.19 -1.83 4.32
CA GLY A 50 13.58 -1.81 3.92
C GLY A 50 13.72 -1.54 2.42
N GLU A 51 12.86 -2.17 1.63
CA GLU A 51 12.78 -1.89 0.20
C GLU A 51 11.34 -1.91 -0.30
N TRP A 52 10.96 -0.88 -1.05
CA TRP A 52 9.58 -0.72 -1.48
C TRP A 52 9.50 0.05 -2.80
N THR A 53 8.37 -0.07 -3.47
CA THR A 53 8.12 0.69 -4.70
C THR A 53 6.63 0.86 -4.95
N TYR A 54 6.30 1.38 -6.13
CA TYR A 54 4.91 1.63 -6.48
C TYR A 54 4.71 1.58 -8.00
N ASP A 55 3.72 0.81 -8.44
CA ASP A 55 3.36 0.74 -9.85
C ASP A 55 2.05 1.47 -10.12
N ASP A 56 2.15 2.68 -10.67
CA ASP A 56 0.98 3.50 -10.93
C ASP A 56 0.11 2.89 -12.02
N ALA A 57 0.72 2.11 -12.90
CA ALA A 57 0.01 1.48 -14.00
C ALA A 57 -1.06 0.52 -13.48
N THR A 58 -0.75 -0.18 -12.40
CA THR A 58 -1.68 -1.14 -11.82
C THR A 58 -2.09 -0.71 -10.42
N LYS A 59 -1.59 0.44 -9.98
CA LYS A 59 -1.90 0.95 -8.65
C LYS A 59 -1.50 -0.03 -7.56
N THR A 60 -0.30 -0.58 -7.68
CA THR A 60 0.16 -1.62 -6.78
C THR A 60 1.39 -1.16 -5.99
N PHE A 61 1.34 -1.35 -4.68
CA PHE A 61 2.50 -1.12 -3.83
C PHE A 61 3.23 -2.42 -3.50
N THR A 62 4.54 -2.34 -3.34
CA THR A 62 5.34 -3.49 -2.93
C THR A 62 6.30 -3.13 -1.82
N VAL A 63 6.41 -4.01 -0.83
CA VAL A 63 7.33 -3.81 0.28
C VAL A 63 8.02 -5.11 0.67
N THR A 64 9.33 -5.03 0.91
CA THR A 64 10.11 -6.22 1.24
C THR A 64 10.97 -5.98 2.47
N GLU A 65 11.03 -6.97 3.36
CA GLU A 65 11.83 -6.87 4.57
C GLU A 65 13.28 -7.27 4.30
N HIS A 1 -14.44 4.88 -5.16
CA HIS A 1 -13.08 5.09 -5.66
C HIS A 1 -12.44 3.78 -6.08
N THR A 2 -11.17 3.83 -6.47
CA THR A 2 -10.44 2.64 -6.88
C THR A 2 -9.84 1.93 -5.67
N THR A 3 -9.47 0.67 -5.86
CA THR A 3 -8.93 -0.14 -4.77
C THR A 3 -7.44 -0.41 -4.97
N TYR A 4 -6.66 -0.18 -3.93
CA TYR A 4 -5.23 -0.45 -3.97
C TYR A 4 -4.87 -1.66 -3.11
N LYS A 5 -3.81 -2.36 -3.50
CA LYS A 5 -3.41 -3.58 -2.81
C LYS A 5 -1.93 -3.55 -2.45
N LEU A 6 -1.62 -3.90 -1.21
CA LEU A 6 -0.23 -4.09 -0.79
C LEU A 6 0.17 -5.56 -0.90
N VAL A 7 1.24 -5.82 -1.66
CA VAL A 7 1.77 -7.17 -1.79
C VAL A 7 3.17 -7.27 -1.21
N ILE A 8 3.30 -8.00 -0.11
CA ILE A 8 4.60 -8.20 0.54
C ILE A 8 5.12 -9.60 0.29
N ASN A 9 6.22 -9.70 -0.45
CA ASN A 9 6.80 -10.99 -0.80
C ASN A 9 8.32 -10.94 -0.78
N GLY A 10 8.90 -11.16 0.39
CA GLY A 10 10.35 -11.13 0.56
C GLY A 10 10.90 -12.51 0.90
N LYS A 11 12.09 -12.53 1.50
CA LYS A 11 12.70 -13.78 1.93
C LYS A 11 12.20 -14.19 3.31
N THR A 12 11.93 -13.20 4.16
CA THR A 12 11.32 -13.44 5.45
C THR A 12 10.02 -12.65 5.61
N LEU A 13 9.86 -11.62 4.80
CA LEU A 13 8.67 -10.78 4.84
C LEU A 13 7.53 -11.42 4.06
N LYS A 14 6.31 -11.25 4.54
CA LYS A 14 5.14 -11.82 3.90
C LYS A 14 3.85 -11.24 4.48
N GLY A 15 3.00 -10.70 3.62
CA GLY A 15 1.73 -10.13 4.05
C GLY A 15 1.03 -9.43 2.90
N GLU A 16 -0.16 -8.90 3.18
CA GLU A 16 -0.96 -8.21 2.15
C GLU A 16 -2.17 -7.52 2.77
N THR A 17 -2.65 -6.49 2.10
CA THR A 17 -3.84 -5.77 2.55
C THR A 17 -4.33 -4.80 1.49
N THR A 18 -5.64 -4.54 1.49
CA THR A 18 -6.24 -3.63 0.51
C THR A 18 -6.97 -2.49 1.21
N THR A 19 -7.22 -1.42 0.47
CA THR A 19 -8.03 -0.31 0.97
C THR A 19 -8.55 0.56 -0.16
N GLU A 20 -9.31 1.58 0.19
CA GLU A 20 -9.92 2.46 -0.81
C GLU A 20 -9.74 3.92 -0.44
N PRO A 21 -8.67 4.53 -0.97
CA PRO A 21 -8.37 5.93 -0.66
C PRO A 21 -9.28 6.87 -1.44
N PRO A 22 -9.55 8.04 -0.87
CA PRO A 22 -10.39 9.03 -1.51
C PRO A 22 -9.62 9.78 -2.60
N ASP A 23 -10.36 10.46 -3.47
CA ASP A 23 -9.75 11.33 -4.48
C ASP A 23 -9.57 12.75 -3.94
N THR A 24 -8.40 13.03 -3.42
CA THR A 24 -8.11 14.35 -2.84
C THR A 24 -8.19 15.44 -3.91
N ASN A 25 -7.68 15.13 -5.10
CA ASN A 25 -7.65 16.10 -6.19
C ASN A 25 -9.05 16.37 -6.72
N ARG A 26 -9.94 15.39 -6.57
CA ARG A 26 -11.32 15.53 -7.03
C ARG A 26 -11.37 15.78 -8.53
N ASP A 27 -10.71 14.92 -9.29
CA ASP A 27 -10.64 15.07 -10.74
C ASP A 27 -10.47 13.72 -11.43
N GLY A 28 -10.42 12.66 -10.64
CA GLY A 28 -10.23 11.32 -11.16
C GLY A 28 -8.95 10.68 -10.63
N ARG A 29 -7.99 11.53 -10.26
CA ARG A 29 -6.71 11.06 -9.75
C ARG A 29 -6.83 10.68 -8.27
N VAL A 30 -7.27 9.45 -8.01
CA VAL A 30 -7.44 8.97 -6.65
C VAL A 30 -6.13 9.03 -5.87
N ASP A 31 -6.19 9.57 -4.66
CA ASP A 31 -4.99 9.88 -3.90
C ASP A 31 -4.38 8.60 -3.30
N TYR A 32 -3.53 7.95 -4.08
CA TYR A 32 -2.95 6.68 -3.67
C TYR A 32 -2.12 6.83 -2.40
N LYS A 33 -1.69 8.06 -2.13
CA LYS A 33 -0.85 8.34 -0.97
C LYS A 33 -1.58 7.99 0.33
N ASP A 34 -2.90 8.11 0.30
CA ASP A 34 -3.73 7.76 1.47
C ASP A 34 -3.74 6.25 1.70
N ALA A 35 -3.69 5.49 0.62
CA ALA A 35 -3.52 4.04 0.70
C ALA A 35 -2.15 3.69 1.29
N GLU A 36 -1.13 4.43 0.87
CA GLU A 36 0.20 4.27 1.44
C GLU A 36 0.19 4.48 2.95
N LYS A 37 -0.52 5.51 3.39
CA LYS A 37 -0.65 5.79 4.82
C LYS A 37 -1.20 4.59 5.57
N VAL A 38 -2.27 4.00 5.04
CA VAL A 38 -2.85 2.81 5.64
C VAL A 38 -1.88 1.63 5.58
N PHE A 39 -1.23 1.48 4.44
CA PHE A 39 -0.34 0.34 4.22
C PHE A 39 0.94 0.47 5.05
N LYS A 40 1.32 1.71 5.35
CA LYS A 40 2.45 1.97 6.23
C LYS A 40 2.17 1.48 7.64
N GLN A 41 0.97 1.77 8.14
CA GLN A 41 0.55 1.30 9.45
C GLN A 41 0.48 -0.22 9.50
N TYR A 42 -0.01 -0.81 8.42
CA TYR A 42 -0.03 -2.26 8.28
C TYR A 42 1.36 -2.85 8.43
N ALA A 43 2.33 -2.28 7.70
CA ALA A 43 3.72 -2.70 7.80
C ALA A 43 4.26 -2.51 9.21
N ASN A 44 3.92 -1.38 9.82
CA ASN A 44 4.39 -1.06 11.16
C ASN A 44 3.85 -2.05 12.19
N ASP A 45 2.61 -2.47 12.00
CA ASP A 45 1.97 -3.40 12.92
C ASP A 45 2.64 -4.77 12.87
N ASN A 46 3.01 -5.20 11.67
CA ASN A 46 3.62 -6.51 11.48
C ASN A 46 5.14 -6.43 11.62
N GLY A 47 5.68 -5.22 11.56
CA GLY A 47 7.12 -5.01 11.68
C GLY A 47 7.84 -5.28 10.36
N VAL A 48 7.15 -4.99 9.26
CA VAL A 48 7.72 -5.22 7.93
C VAL A 48 8.75 -4.16 7.58
N ASP A 49 9.96 -4.61 7.24
CA ASP A 49 11.04 -3.70 6.91
C ASP A 49 11.83 -4.19 5.70
N GLY A 50 11.56 -3.60 4.55
CA GLY A 50 12.22 -4.01 3.30
C GLY A 50 12.09 -2.93 2.23
N GLU A 51 12.21 -3.34 0.97
CA GLU A 51 12.13 -2.40 -0.14
C GLU A 51 10.69 -2.16 -0.56
N TRP A 52 10.16 -1.00 -0.20
CA TRP A 52 8.75 -0.69 -0.45
C TRP A 52 8.61 0.33 -1.57
N THR A 53 8.11 -0.14 -2.71
CA THR A 53 8.01 0.71 -3.90
C THR A 53 6.58 0.71 -4.45
N TYR A 54 6.09 1.89 -4.81
CA TYR A 54 4.81 2.02 -5.48
C TYR A 54 4.96 1.94 -6.99
N ASP A 55 4.22 1.04 -7.61
CA ASP A 55 4.31 0.83 -9.05
C ASP A 55 3.33 1.72 -9.80
N ASP A 56 3.86 2.70 -10.52
CA ASP A 56 3.04 3.62 -11.29
C ASP A 56 2.33 2.92 -12.43
N ALA A 57 2.97 1.90 -12.98
CA ALA A 57 2.47 1.23 -14.17
C ALA A 57 1.18 0.47 -13.87
N THR A 58 1.13 -0.19 -12.72
CA THR A 58 -0.03 -0.99 -12.34
C THR A 58 -0.81 -0.31 -11.22
N LYS A 59 -0.23 0.74 -10.65
CA LYS A 59 -0.85 1.43 -9.52
C LYS A 59 -1.02 0.49 -8.33
N THR A 60 0.05 -0.20 -7.96
CA THR A 60 0.01 -1.14 -6.84
C THR A 60 1.19 -0.92 -5.91
N PHE A 61 1.13 -1.54 -4.73
CA PHE A 61 2.21 -1.45 -3.76
C PHE A 61 2.90 -2.80 -3.59
N THR A 62 4.22 -2.80 -3.70
CA THR A 62 5.01 -4.03 -3.62
C THR A 62 6.17 -3.88 -2.64
N VAL A 63 6.34 -4.87 -1.78
CA VAL A 63 7.49 -4.93 -0.89
C VAL A 63 8.37 -6.14 -1.18
N THR A 64 9.66 -5.89 -1.40
CA THR A 64 10.59 -6.96 -1.71
C THR A 64 11.71 -7.02 -0.68
N GLU A 65 12.60 -8.00 -0.83
CA GLU A 65 13.63 -8.26 0.17
C GLU A 65 14.79 -9.06 -0.42
N HIS A 1 -13.82 5.89 -5.16
CA HIS A 1 -12.50 5.68 -4.56
C HIS A 1 -11.61 4.84 -5.48
N THR A 2 -10.30 4.93 -5.27
CA THR A 2 -9.35 4.17 -6.06
C THR A 2 -8.80 2.99 -5.27
N THR A 3 -8.83 1.81 -5.88
CA THR A 3 -8.38 0.59 -5.21
C THR A 3 -6.88 0.42 -5.33
N TYR A 4 -6.22 0.23 -4.18
CA TYR A 4 -4.80 -0.05 -4.16
C TYR A 4 -4.51 -1.37 -3.45
N LYS A 5 -3.47 -2.07 -3.89
CA LYS A 5 -3.09 -3.34 -3.30
C LYS A 5 -1.63 -3.33 -2.85
N LEU A 6 -1.35 -3.94 -1.71
CA LEU A 6 0.02 -4.10 -1.24
C LEU A 6 0.47 -5.54 -1.32
N VAL A 7 1.61 -5.76 -1.98
CA VAL A 7 2.21 -7.10 -2.06
C VAL A 7 3.55 -7.13 -1.37
N ILE A 8 3.65 -7.89 -0.27
CA ILE A 8 4.86 -7.96 0.51
C ILE A 8 5.63 -9.25 0.21
N ASN A 9 6.88 -9.09 -0.24
CA ASN A 9 7.73 -10.24 -0.51
C ASN A 9 9.08 -10.09 0.19
N GLY A 10 9.08 -10.24 1.52
CA GLY A 10 10.30 -10.13 2.30
C GLY A 10 10.96 -11.49 2.46
N LYS A 11 11.88 -11.59 3.42
CA LYS A 11 12.58 -12.84 3.70
C LYS A 11 11.65 -13.85 4.36
N THR A 12 11.09 -13.47 5.50
CA THR A 12 10.15 -14.33 6.22
C THR A 12 8.76 -13.68 6.28
N LEU A 13 8.72 -12.38 6.03
CA LEU A 13 7.45 -11.64 6.10
C LEU A 13 6.86 -11.45 4.72
N LYS A 14 5.74 -12.12 4.46
CA LYS A 14 5.04 -12.00 3.18
C LYS A 14 3.54 -11.94 3.38
N GLY A 15 2.83 -11.39 2.39
CA GLY A 15 1.38 -11.34 2.41
C GLY A 15 0.85 -10.24 1.50
N GLU A 16 -0.45 -10.27 1.24
CA GLU A 16 -1.09 -9.28 0.40
C GLU A 16 -2.32 -8.68 1.07
N THR A 17 -2.57 -7.41 0.81
CA THR A 17 -3.74 -6.73 1.36
C THR A 17 -4.15 -5.54 0.49
N THR A 18 -5.42 -5.17 0.57
CA THR A 18 -5.94 -4.04 -0.19
C THR A 18 -6.58 -3.00 0.72
N THR A 19 -6.76 -1.79 0.20
CA THR A 19 -7.42 -0.73 0.94
C THR A 19 -8.01 0.31 0.00
N GLU A 20 -9.05 0.99 0.46
CA GLU A 20 -9.61 2.13 -0.26
C GLU A 20 -9.82 3.33 0.66
N PRO A 21 -8.81 4.18 0.76
CA PRO A 21 -8.87 5.35 1.63
C PRO A 21 -10.02 6.26 1.23
N PRO A 22 -10.56 6.98 2.20
CA PRO A 22 -11.64 7.93 1.95
C PRO A 22 -11.15 9.13 1.17
N ASP A 23 -11.94 9.55 0.19
CA ASP A 23 -11.60 10.72 -0.61
C ASP A 23 -12.04 12.01 0.06
N THR A 24 -11.06 12.78 0.52
CA THR A 24 -11.34 14.05 1.21
C THR A 24 -12.19 14.97 0.35
N ASN A 25 -11.91 14.96 -0.95
CA ASN A 25 -12.58 15.88 -1.87
C ASN A 25 -13.93 15.33 -2.30
N ARG A 26 -14.18 14.06 -1.97
CA ARG A 26 -15.44 13.42 -2.33
C ARG A 26 -15.67 13.45 -3.84
N ASP A 27 -14.60 13.22 -4.59
CA ASP A 27 -14.70 13.14 -6.05
C ASP A 27 -14.69 11.69 -6.52
N GLY A 28 -14.26 10.79 -5.63
CA GLY A 28 -14.22 9.37 -5.95
C GLY A 28 -12.83 8.95 -6.43
N ARG A 29 -11.84 9.78 -6.16
CA ARG A 29 -10.48 9.53 -6.62
C ARG A 29 -9.48 9.64 -5.47
N VAL A 30 -8.69 8.59 -5.29
CA VAL A 30 -7.75 8.53 -4.18
C VAL A 30 -6.31 8.43 -4.68
N ASP A 31 -5.46 9.31 -4.17
CA ASP A 31 -4.03 9.29 -4.52
C ASP A 31 -3.32 8.13 -3.84
N TYR A 32 -2.33 7.57 -4.53
CA TYR A 32 -1.57 6.44 -4.00
C TYR A 32 -0.87 6.81 -2.71
N LYS A 33 -0.59 8.09 -2.52
CA LYS A 33 0.07 8.58 -1.32
C LYS A 33 -0.76 8.30 -0.09
N ASP A 34 -2.08 8.38 -0.24
CA ASP A 34 -3.00 8.10 0.86
C ASP A 34 -3.03 6.61 1.20
N ALA A 35 -3.11 5.78 0.17
CA ALA A 35 -3.06 4.33 0.34
C ALA A 35 -1.71 3.89 0.89
N GLU A 36 -0.65 4.56 0.45
CA GLU A 36 0.69 4.26 0.94
C GLU A 36 0.78 4.43 2.44
N LYS A 37 0.27 5.55 2.94
CA LYS A 37 0.27 5.82 4.38
C LYS A 37 -0.49 4.75 5.14
N VAL A 38 -1.61 4.32 4.59
CA VAL A 38 -2.39 3.22 5.17
C VAL A 38 -1.59 1.93 5.18
N PHE A 39 -0.92 1.65 4.06
CA PHE A 39 -0.13 0.43 3.93
C PHE A 39 1.08 0.45 4.84
N LYS A 40 1.65 1.63 5.05
CA LYS A 40 2.75 1.81 5.97
C LYS A 40 2.35 1.49 7.40
N GLN A 41 1.14 1.91 7.77
CA GLN A 41 0.59 1.57 9.08
C GLN A 41 0.32 0.08 9.19
N TYR A 42 -0.19 -0.52 8.12
CA TYR A 42 -0.35 -1.96 8.05
C TYR A 42 0.95 -2.68 8.31
N ALA A 43 2.01 -2.25 7.62
CA ALA A 43 3.34 -2.83 7.82
C ALA A 43 3.81 -2.63 9.25
N ASN A 44 3.57 -1.45 9.80
CA ASN A 44 3.97 -1.13 11.17
C ASN A 44 3.28 -2.06 12.17
N ASP A 45 2.02 -2.38 11.90
CA ASP A 45 1.25 -3.25 12.78
C ASP A 45 1.76 -4.68 12.72
N ASN A 46 2.21 -5.10 11.54
CA ASN A 46 2.68 -6.46 11.33
C ASN A 46 4.19 -6.56 11.54
N GLY A 47 4.85 -5.42 11.62
CA GLY A 47 6.28 -5.38 11.87
C GLY A 47 7.08 -5.58 10.60
N VAL A 48 6.47 -5.26 9.47
CA VAL A 48 7.13 -5.37 8.18
C VAL A 48 7.95 -4.13 7.85
N ASP A 49 9.18 -4.33 7.43
CA ASP A 49 10.09 -3.23 7.12
C ASP A 49 11.06 -3.60 6.01
N GLY A 50 10.75 -3.20 4.79
CA GLY A 50 11.61 -3.47 3.65
C GLY A 50 11.67 -2.28 2.70
N GLU A 51 11.95 -2.55 1.43
CA GLU A 51 12.05 -1.50 0.42
C GLU A 51 10.72 -1.28 -0.27
N TRP A 52 10.20 -0.05 -0.19
CA TRP A 52 8.90 0.28 -0.73
C TRP A 52 9.00 0.75 -2.17
N THR A 53 8.22 0.14 -3.05
CA THR A 53 8.05 0.64 -4.41
C THR A 53 6.58 0.71 -4.79
N TYR A 54 6.30 1.38 -5.91
CA TYR A 54 4.92 1.59 -6.35
C TYR A 54 4.80 1.47 -7.86
N ASP A 55 3.81 0.69 -8.30
CA ASP A 55 3.55 0.54 -9.73
C ASP A 55 2.24 1.21 -10.13
N ASP A 56 2.35 2.39 -10.71
CA ASP A 56 1.17 3.18 -11.07
C ASP A 56 0.36 2.51 -12.16
N ALA A 57 1.03 1.69 -12.97
CA ALA A 57 0.38 0.98 -14.06
C ALA A 57 -0.68 0.03 -13.54
N THR A 58 -0.45 -0.51 -12.35
CA THR A 58 -1.38 -1.47 -11.74
C THR A 58 -1.97 -0.94 -10.45
N LYS A 59 -1.45 0.19 -9.99
CA LYS A 59 -1.89 0.78 -8.73
C LYS A 59 -1.61 -0.17 -7.56
N THR A 60 -0.41 -0.72 -7.53
CA THR A 60 -0.03 -1.67 -6.49
C THR A 60 1.29 -1.27 -5.83
N PHE A 61 1.50 -1.72 -4.60
CA PHE A 61 2.75 -1.49 -3.91
C PHE A 61 3.50 -2.80 -3.68
N THR A 62 4.83 -2.72 -3.64
CA THR A 62 5.66 -3.89 -3.42
C THR A 62 6.70 -3.63 -2.33
N VAL A 63 6.84 -4.59 -1.42
CA VAL A 63 7.87 -4.52 -0.39
C VAL A 63 8.85 -5.68 -0.53
N THR A 64 10.13 -5.34 -0.69
CA THR A 64 11.16 -6.35 -0.88
C THR A 64 12.18 -6.31 0.25
N GLU A 65 12.98 -7.37 0.36
CA GLU A 65 14.01 -7.45 1.40
C GLU A 65 15.24 -8.18 0.91
N HIS A 1 -14.43 6.53 -3.20
CA HIS A 1 -13.17 5.97 -2.77
C HIS A 1 -12.59 5.04 -3.83
N THR A 2 -11.30 4.72 -3.71
CA THR A 2 -10.66 3.76 -4.60
C THR A 2 -9.97 2.65 -3.81
N THR A 3 -9.56 1.61 -4.51
CA THR A 3 -8.92 0.46 -3.87
C THR A 3 -7.53 0.22 -4.42
N TYR A 4 -6.57 -0.01 -3.54
CA TYR A 4 -5.19 -0.29 -3.94
C TYR A 4 -4.71 -1.61 -3.35
N LYS A 5 -3.85 -2.30 -4.10
CA LYS A 5 -3.40 -3.63 -3.70
C LYS A 5 -1.94 -3.59 -3.24
N LEU A 6 -1.66 -4.32 -2.16
CA LEU A 6 -0.29 -4.46 -1.67
C LEU A 6 0.24 -5.87 -1.90
N VAL A 7 1.35 -5.98 -2.61
CA VAL A 7 1.96 -7.27 -2.89
C VAL A 7 3.30 -7.41 -2.18
N ILE A 8 3.37 -8.35 -1.23
CA ILE A 8 4.58 -8.54 -0.43
C ILE A 8 5.30 -9.83 -0.82
N ASN A 9 6.56 -9.69 -1.23
CA ASN A 9 7.40 -10.85 -1.53
C ASN A 9 8.75 -10.74 -0.84
N GLY A 10 8.75 -10.87 0.49
CA GLY A 10 9.97 -10.79 1.27
C GLY A 10 10.50 -12.18 1.60
N LYS A 11 11.33 -12.26 2.63
CA LYS A 11 11.88 -13.55 3.08
C LYS A 11 11.26 -13.98 4.40
N THR A 12 10.85 -13.00 5.21
CA THR A 12 10.20 -13.28 6.48
C THR A 12 8.70 -13.04 6.38
N LEU A 13 8.28 -12.31 5.35
CA LEU A 13 6.87 -11.97 5.16
C LEU A 13 6.51 -11.97 3.68
N LYS A 14 5.37 -12.58 3.36
CA LYS A 14 4.84 -12.56 2.01
C LYS A 14 3.33 -12.71 1.99
N GLY A 15 2.69 -12.17 0.96
CA GLY A 15 1.25 -12.26 0.82
C GLY A 15 0.69 -11.04 0.10
N GLU A 16 -0.59 -11.11 -0.28
CA GLU A 16 -1.24 -10.02 -0.99
C GLU A 16 -2.50 -9.57 -0.27
N THR A 17 -2.78 -8.27 -0.31
CA THR A 17 -3.99 -7.73 0.29
C THR A 17 -4.38 -6.40 -0.36
N THR A 18 -5.52 -5.87 0.04
CA THR A 18 -5.98 -4.58 -0.47
C THR A 18 -6.47 -3.69 0.67
N THR A 19 -6.70 -2.42 0.36
CA THR A 19 -7.25 -1.48 1.33
C THR A 19 -8.02 -0.36 0.64
N GLU A 20 -8.86 0.34 1.40
CA GLU A 20 -9.61 1.46 0.87
C GLU A 20 -9.48 2.69 1.75
N PRO A 21 -8.50 3.53 1.43
CA PRO A 21 -8.24 4.75 2.19
C PRO A 21 -9.43 5.71 2.11
N PRO A 22 -9.80 6.30 3.24
CA PRO A 22 -10.88 7.26 3.29
C PRO A 22 -10.47 8.60 2.68
N ASP A 23 -11.42 9.26 2.03
CA ASP A 23 -11.16 10.56 1.42
C ASP A 23 -11.21 11.69 2.45
N THR A 24 -10.21 11.75 3.31
CA THR A 24 -10.18 12.75 4.37
C THR A 24 -9.75 14.11 3.83
N ASN A 25 -9.23 14.12 2.61
CA ASN A 25 -8.82 15.36 1.96
C ASN A 25 -10.01 16.03 1.27
N ARG A 26 -11.10 15.29 1.12
CA ARG A 26 -12.28 15.80 0.45
C ARG A 26 -11.97 16.20 -0.99
N ASP A 27 -11.24 15.35 -1.70
CA ASP A 27 -10.87 15.63 -3.08
C ASP A 27 -11.87 15.02 -4.05
N GLY A 28 -12.54 13.96 -3.63
CA GLY A 28 -13.48 13.24 -4.48
C GLY A 28 -12.88 11.94 -5.00
N ARG A 29 -11.56 11.86 -4.97
CA ARG A 29 -10.85 10.65 -5.40
C ARG A 29 -9.71 10.32 -4.47
N VAL A 30 -9.39 9.02 -4.35
CA VAL A 30 -8.32 8.57 -3.49
C VAL A 30 -7.10 8.13 -4.30
N ASP A 31 -5.99 8.82 -4.12
CA ASP A 31 -4.77 8.53 -4.87
C ASP A 31 -3.90 7.52 -4.13
N TYR A 32 -2.76 7.18 -4.73
CA TYR A 32 -1.87 6.18 -4.18
C TYR A 32 -1.15 6.70 -2.94
N LYS A 33 -1.02 8.02 -2.85
CA LYS A 33 -0.35 8.65 -1.72
C LYS A 33 -1.10 8.41 -0.42
N ASP A 34 -2.43 8.47 -0.49
CA ASP A 34 -3.27 8.11 0.64
C ASP A 34 -3.10 6.64 1.01
N ALA A 35 -3.12 5.77 -0.01
CA ALA A 35 -2.92 4.35 0.19
C ALA A 35 -1.54 4.06 0.76
N GLU A 36 -0.55 4.81 0.29
CA GLU A 36 0.81 4.68 0.79
C GLU A 36 0.88 4.91 2.29
N LYS A 37 0.25 5.99 2.75
CA LYS A 37 0.20 6.31 4.18
C LYS A 37 -0.49 5.20 4.96
N VAL A 38 -1.56 4.66 4.39
CA VAL A 38 -2.27 3.54 5.01
C VAL A 38 -1.39 2.30 5.10
N PHE A 39 -0.65 2.03 4.03
CA PHE A 39 0.22 0.87 3.97
C PHE A 39 1.43 1.05 4.88
N LYS A 40 1.85 2.29 5.06
CA LYS A 40 2.90 2.61 6.03
C LYS A 40 2.40 2.41 7.47
N GLN A 41 1.13 2.70 7.69
CA GLN A 41 0.49 2.40 8.97
C GLN A 41 0.42 0.90 9.21
N TYR A 42 0.13 0.15 8.15
CA TYR A 42 0.14 -1.30 8.22
C TYR A 42 1.52 -1.83 8.55
N ALA A 43 2.55 -1.20 7.98
CA ALA A 43 3.93 -1.54 8.30
C ALA A 43 4.23 -1.28 9.77
N ASN A 44 3.72 -0.18 10.29
CA ASN A 44 3.90 0.17 11.69
C ASN A 44 3.16 -0.80 12.61
N ASP A 45 1.99 -1.24 12.16
CA ASP A 45 1.16 -2.14 12.95
C ASP A 45 1.75 -3.55 12.98
N ASN A 46 2.26 -3.99 11.84
CA ASN A 46 2.80 -5.34 11.71
C ASN A 46 4.28 -5.39 12.02
N GLY A 47 4.93 -4.22 11.98
CA GLY A 47 6.35 -4.12 12.26
C GLY A 47 7.19 -4.54 11.05
N VAL A 48 6.77 -4.10 9.87
CA VAL A 48 7.45 -4.47 8.64
C VAL A 48 8.57 -3.51 8.31
N ASP A 49 9.80 -4.01 8.30
CA ASP A 49 10.96 -3.19 8.02
C ASP A 49 11.63 -3.61 6.72
N GLY A 50 10.83 -3.90 5.70
CA GLY A 50 11.35 -4.32 4.41
C GLY A 50 11.50 -3.12 3.47
N GLU A 51 11.63 -3.41 2.17
CA GLU A 51 11.77 -2.36 1.17
C GLU A 51 10.44 -2.10 0.45
N TRP A 52 9.96 -0.87 0.55
CA TRP A 52 8.66 -0.51 -0.01
C TRP A 52 8.83 0.34 -1.27
N THR A 53 7.98 0.06 -2.26
CA THR A 53 7.98 0.85 -3.49
C THR A 53 6.61 0.86 -4.14
N TYR A 54 6.37 1.82 -5.01
CA TYR A 54 5.08 1.95 -5.69
C TYR A 54 5.22 1.73 -7.19
N ASP A 55 4.35 0.87 -7.73
CA ASP A 55 4.35 0.60 -9.17
C ASP A 55 3.15 1.28 -9.84
N ASP A 56 3.42 2.41 -10.48
CA ASP A 56 2.36 3.20 -11.13
C ASP A 56 1.80 2.47 -12.34
N ALA A 57 2.63 1.61 -12.95
CA ALA A 57 2.22 0.86 -14.13
C ALA A 57 1.02 -0.03 -13.84
N THR A 58 0.99 -0.59 -12.63
CA THR A 58 -0.09 -1.46 -12.22
C THR A 58 -0.94 -0.82 -11.13
N LYS A 59 -0.47 0.30 -10.61
CA LYS A 59 -1.17 1.01 -9.54
C LYS A 59 -1.19 0.19 -8.26
N THR A 60 -0.09 -0.52 -8.00
CA THR A 60 0.02 -1.34 -6.80
C THR A 60 1.31 -1.06 -6.06
N PHE A 61 1.43 -1.62 -4.85
CA PHE A 61 2.64 -1.47 -4.06
C PHE A 61 3.37 -2.79 -3.89
N THR A 62 4.69 -2.73 -3.83
CA THR A 62 5.51 -3.93 -3.74
C THR A 62 6.45 -3.88 -2.55
N VAL A 63 6.56 -4.98 -1.84
CA VAL A 63 7.50 -5.10 -0.72
C VAL A 63 8.48 -6.24 -0.93
N THR A 64 9.76 -5.95 -0.75
CA THR A 64 10.80 -6.96 -0.91
C THR A 64 11.70 -7.01 0.33
N GLU A 65 12.59 -8.00 0.35
CA GLU A 65 13.51 -8.16 1.47
C GLU A 65 14.81 -8.82 1.04
N HIS A 1 -12.82 6.98 -6.59
CA HIS A 1 -12.78 5.70 -5.90
C HIS A 1 -11.76 4.76 -6.55
N THR A 2 -10.51 4.85 -6.08
CA THR A 2 -9.44 4.02 -6.62
C THR A 2 -8.97 2.99 -5.60
N THR A 3 -8.97 1.72 -5.99
CA THR A 3 -8.52 0.65 -5.13
C THR A 3 -7.03 0.38 -5.29
N TYR A 4 -6.32 0.29 -4.18
CA TYR A 4 -4.90 0.00 -4.19
C TYR A 4 -4.59 -1.35 -3.54
N LYS A 5 -3.58 -2.04 -4.06
CA LYS A 5 -3.20 -3.34 -3.54
C LYS A 5 -1.84 -3.27 -2.85
N LEU A 6 -1.59 -4.21 -1.94
CA LEU A 6 -0.30 -4.30 -1.26
C LEU A 6 0.25 -5.71 -1.31
N VAL A 7 1.45 -5.85 -1.85
CA VAL A 7 2.13 -7.15 -1.92
C VAL A 7 3.46 -7.11 -1.17
N ILE A 8 3.58 -7.95 -0.15
CA ILE A 8 4.81 -8.04 0.61
C ILE A 8 5.51 -9.37 0.38
N ASN A 9 6.74 -9.31 -0.14
CA ASN A 9 7.47 -10.52 -0.53
C ASN A 9 8.93 -10.41 -0.17
N GLY A 10 9.26 -10.77 1.07
CA GLY A 10 10.64 -10.75 1.53
C GLY A 10 11.14 -12.17 1.83
N LYS A 11 12.12 -12.27 2.71
CA LYS A 11 12.64 -13.57 3.13
C LYS A 11 11.89 -14.10 4.34
N THR A 12 11.78 -13.28 5.37
CA THR A 12 11.02 -13.64 6.56
C THR A 12 9.73 -12.85 6.66
N LEU A 13 9.69 -11.71 5.97
CA LEU A 13 8.49 -10.87 5.94
C LEU A 13 7.64 -11.19 4.72
N LYS A 14 6.31 -11.20 4.91
CA LYS A 14 5.39 -11.51 3.83
C LYS A 14 3.98 -11.07 4.18
N GLY A 15 3.15 -10.89 3.15
CA GLY A 15 1.75 -10.52 3.35
C GLY A 15 1.13 -10.00 2.07
N GLU A 16 -0.17 -9.70 2.12
CA GLU A 16 -0.88 -9.20 0.96
C GLU A 16 -2.30 -8.77 1.33
N THR A 17 -2.68 -7.58 0.87
CA THR A 17 -4.02 -7.06 1.13
C THR A 17 -4.43 -6.04 0.08
N THR A 18 -5.56 -5.38 0.29
CA THR A 18 -6.05 -4.36 -0.63
C THR A 18 -7.25 -3.63 -0.04
N THR A 19 -7.35 -2.34 -0.34
CA THR A 19 -8.45 -1.52 0.18
C THR A 19 -8.58 -0.21 -0.60
N GLU A 20 -9.48 0.65 -0.16
CA GLU A 20 -9.58 1.99 -0.69
C GLU A 20 -9.20 3.04 0.36
N PRO A 21 -7.96 3.52 0.28
CA PRO A 21 -7.46 4.49 1.24
C PRO A 21 -8.31 5.75 1.26
N PRO A 22 -8.51 6.31 2.46
CA PRO A 22 -9.22 7.56 2.60
C PRO A 22 -8.38 8.74 2.13
N ASP A 23 -9.04 9.81 1.68
CA ASP A 23 -8.36 11.01 1.23
C ASP A 23 -7.93 11.87 2.41
N THR A 24 -6.63 11.87 2.70
CA THR A 24 -6.10 12.58 3.85
C THR A 24 -5.81 14.04 3.52
N ASN A 25 -5.86 14.36 2.23
CA ASN A 25 -5.64 15.73 1.78
C ASN A 25 -6.96 16.48 1.65
N ARG A 26 -8.06 15.73 1.67
CA ARG A 26 -9.39 16.33 1.56
C ARG A 26 -9.56 17.09 0.26
N ASP A 27 -9.11 16.49 -0.84
CA ASP A 27 -9.23 17.08 -2.15
C ASP A 27 -10.37 16.44 -2.95
N GLY A 28 -10.83 15.30 -2.48
CA GLY A 28 -11.90 14.56 -3.15
C GLY A 28 -11.32 13.54 -4.13
N ARG A 29 -10.18 12.98 -3.78
CA ARG A 29 -9.49 12.02 -4.65
C ARG A 29 -8.49 11.18 -3.87
N VAL A 30 -8.60 9.86 -4.01
CA VAL A 30 -7.68 8.94 -3.35
C VAL A 30 -6.41 8.75 -4.16
N ASP A 31 -5.30 9.21 -3.61
CA ASP A 31 -4.01 9.11 -4.30
C ASP A 31 -3.15 7.99 -3.69
N TYR A 32 -2.13 7.58 -4.43
CA TYR A 32 -1.21 6.56 -3.95
C TYR A 32 -0.48 7.01 -2.68
N LYS A 33 -0.43 8.32 -2.48
CA LYS A 33 0.14 8.89 -1.26
C LYS A 33 -0.73 8.54 -0.05
N ASP A 34 -2.02 8.34 -0.29
CA ASP A 34 -2.94 7.88 0.75
C ASP A 34 -2.80 6.39 0.99
N ALA A 35 -2.58 5.64 -0.10
CA ALA A 35 -2.29 4.22 0.01
C ALA A 35 -0.98 3.98 0.76
N GLU A 36 0.01 4.84 0.50
CA GLU A 36 1.27 4.77 1.21
C GLU A 36 1.07 4.85 2.72
N LYS A 37 0.29 5.83 3.16
CA LYS A 37 0.03 6.02 4.58
C LYS A 37 -0.67 4.80 5.18
N VAL A 38 -1.68 4.31 4.48
CA VAL A 38 -2.45 3.17 4.97
C VAL A 38 -1.61 1.90 5.02
N PHE A 39 -0.89 1.63 3.93
CA PHE A 39 -0.11 0.42 3.81
C PHE A 39 1.11 0.45 4.73
N LYS A 40 1.67 1.63 4.93
CA LYS A 40 2.76 1.82 5.86
C LYS A 40 2.36 1.40 7.28
N GLN A 41 1.21 1.88 7.73
CA GLN A 41 0.68 1.52 9.05
C GLN A 41 0.35 0.05 9.11
N TYR A 42 -0.26 -0.47 8.05
CA TYR A 42 -0.56 -1.90 7.95
C TYR A 42 0.69 -2.75 8.12
N ALA A 43 1.73 -2.40 7.37
CA ALA A 43 3.01 -3.09 7.47
C ALA A 43 3.59 -2.99 8.88
N ASN A 44 3.53 -1.79 9.45
CA ASN A 44 4.07 -1.55 10.78
C ASN A 44 3.36 -2.39 11.82
N ASP A 45 2.05 -2.58 11.65
CA ASP A 45 1.27 -3.41 12.55
C ASP A 45 1.72 -4.86 12.49
N ASN A 46 2.04 -5.32 11.30
CA ASN A 46 2.52 -6.69 11.11
C ASN A 46 3.98 -6.82 11.52
N GLY A 47 4.71 -5.71 11.44
CA GLY A 47 6.14 -5.70 11.76
C GLY A 47 6.98 -5.76 10.50
N VAL A 48 6.40 -5.37 9.38
CA VAL A 48 7.11 -5.39 8.10
C VAL A 48 7.73 -4.03 7.80
N ASP A 49 9.01 -4.05 7.42
CA ASP A 49 9.73 -2.82 7.10
C ASP A 49 10.83 -3.08 6.07
N GLY A 50 10.54 -2.75 4.81
CA GLY A 50 11.50 -2.96 3.74
C GLY A 50 11.43 -1.82 2.71
N GLU A 51 11.83 -2.12 1.48
CA GLU A 51 11.84 -1.13 0.42
C GLU A 51 10.50 -1.08 -0.30
N TRP A 52 9.98 0.12 -0.51
CA TRP A 52 8.66 0.29 -1.10
C TRP A 52 8.75 0.69 -2.57
N THR A 53 8.04 -0.04 -3.41
CA THR A 53 7.94 0.30 -4.83
C THR A 53 6.49 0.44 -5.26
N TYR A 54 6.14 1.61 -5.79
CA TYR A 54 4.78 1.87 -6.26
C TYR A 54 4.66 1.57 -7.75
N ASP A 55 3.71 0.72 -8.10
CA ASP A 55 3.38 0.46 -9.50
C ASP A 55 2.09 1.19 -9.90
N ASP A 56 2.25 2.28 -10.64
CA ASP A 56 1.11 3.08 -11.06
C ASP A 56 0.27 2.35 -12.11
N ALA A 57 0.90 1.43 -12.83
CA ALA A 57 0.23 0.72 -13.90
C ALA A 57 -0.90 -0.15 -13.38
N THR A 58 -0.68 -0.78 -12.23
CA THR A 58 -1.67 -1.66 -11.64
C THR A 58 -2.13 -1.14 -10.28
N LYS A 59 -1.55 -0.02 -9.86
CA LYS A 59 -1.95 0.62 -8.62
C LYS A 59 -1.72 -0.29 -7.41
N THR A 60 -0.46 -0.68 -7.22
CA THR A 60 -0.10 -1.58 -6.13
C THR A 60 1.28 -1.24 -5.57
N PHE A 61 1.49 -1.58 -4.30
CA PHE A 61 2.78 -1.36 -3.66
C PHE A 61 3.48 -2.68 -3.39
N THR A 62 4.78 -2.73 -3.67
CA THR A 62 5.58 -3.92 -3.39
C THR A 62 6.61 -3.65 -2.30
N VAL A 63 6.68 -4.55 -1.33
CA VAL A 63 7.64 -4.42 -0.23
C VAL A 63 8.72 -5.48 -0.33
N THR A 64 9.98 -5.04 -0.41
CA THR A 64 11.11 -5.95 -0.52
C THR A 64 11.96 -5.93 0.74
N GLU A 65 12.25 -7.12 1.27
CA GLU A 65 13.05 -7.24 2.48
C GLU A 65 14.53 -7.30 2.15
N HIS A 1 -13.05 5.24 -5.98
CA HIS A 1 -12.28 5.91 -7.00
C HIS A 1 -11.18 5.01 -7.55
N THR A 2 -10.07 4.91 -6.81
CA THR A 2 -8.99 4.03 -7.19
C THR A 2 -8.61 3.10 -6.04
N THR A 3 -8.78 1.80 -6.25
CA THR A 3 -8.45 0.80 -5.24
C THR A 3 -6.99 0.38 -5.35
N TYR A 4 -6.31 0.31 -4.21
CA TYR A 4 -4.90 -0.04 -4.19
C TYR A 4 -4.65 -1.35 -3.46
N LYS A 5 -3.62 -2.07 -3.87
CA LYS A 5 -3.26 -3.34 -3.25
C LYS A 5 -1.80 -3.34 -2.81
N LEU A 6 -1.54 -3.89 -1.63
CA LEU A 6 -0.18 -4.04 -1.13
C LEU A 6 0.29 -5.49 -1.25
N VAL A 7 1.47 -5.68 -1.83
CA VAL A 7 2.09 -7.00 -1.89
C VAL A 7 3.43 -7.01 -1.17
N ILE A 8 3.54 -7.84 -0.14
CA ILE A 8 4.75 -7.89 0.67
C ILE A 8 5.56 -9.15 0.36
N ASN A 9 6.81 -8.97 -0.03
CA ASN A 9 7.72 -10.09 -0.25
C ASN A 9 9.01 -9.91 0.54
N GLY A 10 8.92 -10.08 1.85
CA GLY A 10 10.06 -9.84 2.74
C GLY A 10 10.92 -11.09 2.89
N LYS A 11 11.99 -10.98 3.66
CA LYS A 11 12.88 -12.10 3.89
C LYS A 11 12.17 -13.23 4.63
N THR A 12 11.51 -12.89 5.73
CA THR A 12 10.83 -13.88 6.55
C THR A 12 9.33 -13.64 6.59
N LEU A 13 8.93 -12.41 6.31
CA LEU A 13 7.52 -12.03 6.35
C LEU A 13 6.99 -11.72 4.96
N LYS A 14 5.71 -12.04 4.74
CA LYS A 14 5.09 -11.81 3.44
C LYS A 14 3.57 -11.84 3.55
N GLY A 15 2.90 -11.32 2.53
CA GLY A 15 1.44 -11.29 2.51
C GLY A 15 0.94 -10.24 1.52
N GLU A 16 -0.38 -10.02 1.53
CA GLU A 16 -0.99 -9.00 0.68
C GLU A 16 -2.31 -8.52 1.25
N THR A 17 -2.72 -7.31 0.88
CA THR A 17 -3.98 -6.76 1.32
C THR A 17 -4.50 -5.71 0.34
N THR A 18 -5.82 -5.58 0.25
CA THR A 18 -6.44 -4.64 -0.67
C THR A 18 -7.41 -3.71 0.06
N THR A 19 -7.27 -2.42 -0.17
CA THR A 19 -8.15 -1.43 0.44
C THR A 19 -8.19 -0.14 -0.37
N GLU A 20 -8.81 0.89 0.20
CA GLU A 20 -8.88 2.19 -0.45
C GLU A 20 -9.22 3.29 0.55
N PRO A 21 -8.27 4.19 0.78
CA PRO A 21 -8.48 5.31 1.70
C PRO A 21 -9.74 6.09 1.34
N PRO A 22 -10.67 6.16 2.28
CA PRO A 22 -11.90 6.91 2.09
C PRO A 22 -11.62 8.36 1.74
N ASP A 23 -12.42 8.91 0.84
CA ASP A 23 -12.26 10.30 0.41
C ASP A 23 -12.88 11.26 1.42
N THR A 24 -12.23 11.40 2.57
CA THR A 24 -12.77 12.22 3.66
C THR A 24 -12.58 13.71 3.36
N ASN A 25 -11.70 14.01 2.41
CA ASN A 25 -11.46 15.39 2.02
C ASN A 25 -12.49 15.86 0.99
N ARG A 26 -13.24 14.91 0.44
CA ARG A 26 -14.21 15.21 -0.60
C ARG A 26 -13.54 15.86 -1.80
N ASP A 27 -12.45 15.27 -2.27
CA ASP A 27 -11.72 15.80 -3.41
C ASP A 27 -12.13 15.09 -4.70
N GLY A 28 -12.82 13.96 -4.55
CA GLY A 28 -13.27 13.19 -5.70
C GLY A 28 -12.15 12.34 -6.26
N ARG A 29 -11.19 12.00 -5.41
CA ARG A 29 -10.02 11.24 -5.84
C ARG A 29 -9.30 10.61 -4.64
N VAL A 30 -8.73 9.43 -4.86
CA VAL A 30 -7.91 8.77 -3.85
C VAL A 30 -6.48 8.58 -4.33
N ASP A 31 -5.57 9.38 -3.80
CA ASP A 31 -4.18 9.35 -4.25
C ASP A 31 -3.44 8.16 -3.65
N TYR A 32 -2.46 7.64 -4.39
CA TYR A 32 -1.66 6.52 -3.92
C TYR A 32 -0.85 6.90 -2.69
N LYS A 33 -0.58 8.19 -2.54
CA LYS A 33 0.22 8.67 -1.42
C LYS A 33 -0.47 8.38 -0.08
N ASP A 34 -1.78 8.54 -0.06
CA ASP A 34 -2.57 8.23 1.13
C ASP A 34 -2.64 6.72 1.35
N ALA A 35 -2.79 5.97 0.26
CA ALA A 35 -2.77 4.52 0.33
C ALA A 35 -1.42 4.02 0.86
N GLU A 36 -0.34 4.66 0.41
CA GLU A 36 0.99 4.34 0.90
C GLU A 36 1.08 4.50 2.42
N LYS A 37 0.57 5.62 2.92
CA LYS A 37 0.54 5.88 4.34
C LYS A 37 -0.18 4.78 5.10
N VAL A 38 -1.34 4.38 4.59
CA VAL A 38 -2.13 3.32 5.21
C VAL A 38 -1.38 1.99 5.17
N PHE A 39 -0.76 1.69 4.03
CA PHE A 39 -0.09 0.41 3.84
C PHE A 39 1.16 0.31 4.69
N LYS A 40 1.83 1.44 4.89
CA LYS A 40 2.99 1.49 5.77
C LYS A 40 2.60 1.23 7.22
N GLN A 41 1.45 1.76 7.62
CA GLN A 41 0.90 1.48 8.95
C GLN A 41 0.52 0.01 9.07
N TYR A 42 -0.11 -0.53 8.03
CA TYR A 42 -0.43 -1.95 7.99
C TYR A 42 0.82 -2.80 8.15
N ALA A 43 1.84 -2.50 7.37
CA ALA A 43 3.10 -3.24 7.43
C ALA A 43 3.72 -3.14 8.82
N ASN A 44 3.76 -1.93 9.36
CA ASN A 44 4.36 -1.69 10.66
C ASN A 44 3.68 -2.51 11.75
N ASP A 45 2.36 -2.65 11.64
CA ASP A 45 1.58 -3.42 12.60
C ASP A 45 1.95 -4.89 12.57
N ASN A 46 2.53 -5.32 11.44
CA ASN A 46 2.90 -6.72 11.26
C ASN A 46 4.41 -6.91 11.38
N GLY A 47 5.10 -5.85 11.76
CA GLY A 47 6.54 -5.90 11.95
C GLY A 47 7.27 -5.94 10.60
N VAL A 48 6.66 -5.36 9.58
CA VAL A 48 7.22 -5.37 8.24
C VAL A 48 7.75 -3.99 7.86
N ASP A 49 9.01 -3.96 7.42
CA ASP A 49 9.61 -2.71 6.95
C ASP A 49 10.73 -2.99 5.96
N GLY A 50 10.38 -3.07 4.69
CA GLY A 50 11.35 -3.33 3.64
C GLY A 50 11.49 -2.14 2.69
N GLU A 51 11.94 -2.40 1.47
CA GLU A 51 12.01 -1.38 0.44
C GLU A 51 10.67 -1.18 -0.24
N TRP A 52 10.21 0.06 -0.31
CA TRP A 52 8.87 0.36 -0.79
C TRP A 52 8.91 0.90 -2.21
N THR A 53 8.12 0.29 -3.09
CA THR A 53 7.91 0.81 -4.44
C THR A 53 6.43 0.88 -4.80
N TYR A 54 6.13 1.51 -5.91
CA TYR A 54 4.75 1.71 -6.33
C TYR A 54 4.61 1.54 -7.84
N ASP A 55 3.65 0.70 -8.25
CA ASP A 55 3.35 0.51 -9.66
C ASP A 55 2.05 1.19 -10.04
N ASP A 56 2.15 2.33 -10.73
CA ASP A 56 0.98 3.10 -11.11
C ASP A 56 0.17 2.38 -12.19
N ALA A 57 0.83 1.50 -12.93
CA ALA A 57 0.19 0.76 -13.99
C ALA A 57 -0.87 -0.19 -13.45
N THR A 58 -0.61 -0.76 -12.28
CA THR A 58 -1.54 -1.68 -11.65
C THR A 58 -2.10 -1.10 -10.36
N LYS A 59 -1.56 0.05 -9.94
CA LYS A 59 -1.96 0.67 -8.69
C LYS A 59 -1.69 -0.25 -7.50
N THR A 60 -0.48 -0.79 -7.44
CA THR A 60 -0.10 -1.70 -6.37
C THR A 60 1.21 -1.27 -5.71
N PHE A 61 1.43 -1.72 -4.48
CA PHE A 61 2.67 -1.44 -3.78
C PHE A 61 3.45 -2.72 -3.51
N THR A 62 4.77 -2.61 -3.46
CA THR A 62 5.64 -3.76 -3.22
C THR A 62 6.59 -3.51 -2.07
N VAL A 63 6.71 -4.48 -1.17
CA VAL A 63 7.73 -4.44 -0.12
C VAL A 63 8.77 -5.53 -0.33
N THR A 64 10.03 -5.11 -0.45
CA THR A 64 11.12 -6.04 -0.75
C THR A 64 12.01 -6.25 0.46
N GLU A 65 12.15 -7.51 0.87
CA GLU A 65 13.04 -7.86 1.96
C GLU A 65 12.55 -7.30 3.29
N HIS A 1 -13.16 6.08 -8.44
CA HIS A 1 -12.14 5.95 -7.39
C HIS A 1 -11.37 4.65 -7.53
N THR A 2 -10.13 4.65 -7.05
CA THR A 2 -9.22 3.52 -7.25
C THR A 2 -8.88 2.84 -5.93
N THR A 3 -9.07 1.53 -5.89
CA THR A 3 -8.57 0.73 -4.78
C THR A 3 -7.16 0.24 -5.03
N TYR A 4 -6.29 0.41 -4.04
CA TYR A 4 -4.89 0.07 -4.18
C TYR A 4 -4.56 -1.24 -3.48
N LYS A 5 -3.53 -1.93 -3.96
CA LYS A 5 -3.14 -3.22 -3.40
C LYS A 5 -1.70 -3.19 -2.87
N LEU A 6 -1.45 -3.96 -1.83
CA LEU A 6 -0.10 -4.09 -1.30
C LEU A 6 0.38 -5.54 -1.36
N VAL A 7 1.57 -5.74 -1.95
CA VAL A 7 2.20 -7.06 -1.97
C VAL A 7 3.52 -7.04 -1.23
N ILE A 8 3.57 -7.76 -0.10
CA ILE A 8 4.78 -7.81 0.70
C ILE A 8 5.55 -9.09 0.44
N ASN A 9 6.84 -8.95 0.10
CA ASN A 9 7.71 -10.10 -0.09
C ASN A 9 8.99 -9.94 0.73
N GLY A 10 8.87 -10.16 2.03
CA GLY A 10 10.00 -10.04 2.93
C GLY A 10 10.74 -11.37 3.08
N LYS A 11 11.66 -11.43 4.03
CA LYS A 11 12.44 -12.64 4.26
C LYS A 11 11.71 -13.60 5.18
N THR A 12 10.98 -13.05 6.15
CA THR A 12 10.21 -13.86 7.09
C THR A 12 8.73 -13.51 7.05
N LEU A 13 8.43 -12.30 6.59
CA LEU A 13 7.05 -11.82 6.53
C LEU A 13 6.61 -11.57 5.09
N LYS A 14 5.37 -11.89 4.80
CA LYS A 14 4.81 -11.68 3.46
C LYS A 14 3.29 -11.77 3.47
N GLY A 15 2.66 -11.30 2.40
CA GLY A 15 1.21 -11.37 2.26
C GLY A 15 0.69 -10.24 1.38
N GLU A 16 -0.59 -10.31 1.05
CA GLU A 16 -1.22 -9.30 0.20
C GLU A 16 -2.46 -8.72 0.87
N THR A 17 -2.72 -7.44 0.62
CA THR A 17 -3.90 -6.78 1.14
C THR A 17 -4.27 -5.55 0.32
N THR A 18 -5.50 -5.07 0.49
CA THR A 18 -5.97 -3.90 -0.25
C THR A 18 -6.60 -2.89 0.69
N THR A 19 -6.67 -1.64 0.25
CA THR A 19 -7.34 -0.59 1.01
C THR A 19 -7.70 0.59 0.11
N GLU A 20 -8.63 1.42 0.58
CA GLU A 20 -8.95 2.67 -0.11
C GLU A 20 -9.36 3.75 0.88
N PRO A 21 -8.54 4.78 1.00
CA PRO A 21 -8.83 5.90 1.88
C PRO A 21 -9.97 6.76 1.34
N PRO A 22 -10.64 7.49 2.22
CA PRO A 22 -11.80 8.28 1.84
C PRO A 22 -11.39 9.51 1.05
N ASP A 23 -12.24 9.91 0.10
CA ASP A 23 -11.96 11.08 -0.73
C ASP A 23 -12.38 12.36 -0.02
N THR A 24 -11.59 12.77 0.97
CA THR A 24 -11.93 13.92 1.80
C THR A 24 -11.71 15.22 1.04
N ASN A 25 -10.95 15.15 -0.05
CA ASN A 25 -10.70 16.33 -0.87
C ASN A 25 -11.82 16.54 -1.88
N ARG A 26 -12.65 15.51 -2.07
CA ARG A 26 -13.72 15.56 -3.05
C ARG A 26 -13.19 15.82 -4.45
N ASP A 27 -12.14 15.09 -4.83
CA ASP A 27 -11.51 15.26 -6.13
C ASP A 27 -12.03 14.23 -7.13
N GLY A 28 -12.71 13.21 -6.62
CA GLY A 28 -13.22 12.13 -7.46
C GLY A 28 -12.14 11.11 -7.76
N ARG A 29 -11.17 10.98 -6.86
CA ARG A 29 -10.04 10.09 -7.06
C ARG A 29 -9.38 9.74 -5.73
N VAL A 30 -8.53 8.72 -5.76
CA VAL A 30 -7.82 8.27 -4.57
C VAL A 30 -6.31 8.40 -4.74
N ASP A 31 -5.68 9.17 -3.85
CA ASP A 31 -4.25 9.41 -3.93
C ASP A 31 -3.46 8.23 -3.36
N TYR A 32 -2.58 7.67 -4.19
CA TYR A 32 -1.81 6.50 -3.79
C TYR A 32 -0.98 6.78 -2.55
N LYS A 33 -0.64 8.05 -2.34
CA LYS A 33 0.16 8.45 -1.20
C LYS A 33 -0.56 8.17 0.11
N ASP A 34 -1.84 8.49 0.15
CA ASP A 34 -2.66 8.24 1.34
C ASP A 34 -2.91 6.76 1.53
N ALA A 35 -3.11 6.05 0.42
CA ALA A 35 -3.21 4.59 0.45
C ALA A 35 -1.92 3.95 0.97
N GLU A 36 -0.79 4.50 0.55
CA GLU A 36 0.51 4.03 1.02
C GLU A 36 0.66 4.22 2.53
N LYS A 37 0.23 5.39 3.01
CA LYS A 37 0.27 5.68 4.44
C LYS A 37 -0.46 4.61 5.25
N VAL A 38 -1.63 4.21 4.77
CA VAL A 38 -2.39 3.13 5.40
C VAL A 38 -1.64 1.82 5.30
N PHE A 39 -1.05 1.56 4.14
CA PHE A 39 -0.29 0.33 3.92
C PHE A 39 0.93 0.27 4.83
N LYS A 40 1.54 1.43 5.07
CA LYS A 40 2.69 1.51 5.95
C LYS A 40 2.33 1.16 7.38
N GLN A 41 1.14 1.58 7.81
CA GLN A 41 0.62 1.20 9.10
C GLN A 41 0.38 -0.30 9.18
N TYR A 42 -0.18 -0.86 8.11
CA TYR A 42 -0.35 -2.31 8.00
C TYR A 42 0.98 -3.03 8.12
N ALA A 43 1.96 -2.57 7.36
CA ALA A 43 3.30 -3.16 7.39
C ALA A 43 3.90 -3.06 8.80
N ASN A 44 3.75 -1.89 9.42
CA ASN A 44 4.30 -1.65 10.74
C ASN A 44 3.68 -2.58 11.78
N ASP A 45 2.39 -2.86 11.62
CA ASP A 45 1.68 -3.79 12.50
C ASP A 45 2.27 -5.18 12.41
N ASN A 46 2.64 -5.59 11.20
CA ASN A 46 3.27 -6.89 10.98
C ASN A 46 4.73 -6.87 11.39
N GLY A 47 5.37 -5.71 11.23
CA GLY A 47 6.79 -5.57 11.53
C GLY A 47 7.61 -5.57 10.25
N VAL A 48 7.01 -5.15 9.15
CA VAL A 48 7.68 -5.13 7.86
C VAL A 48 8.23 -3.74 7.55
N ASP A 49 9.50 -3.69 7.15
CA ASP A 49 10.16 -2.42 6.86
C ASP A 49 11.08 -2.54 5.66
N GLY A 50 10.60 -3.20 4.61
CA GLY A 50 11.39 -3.40 3.40
C GLY A 50 11.32 -2.18 2.49
N GLU A 51 11.83 -2.33 1.28
CA GLU A 51 11.88 -1.22 0.33
C GLU A 51 10.56 -1.10 -0.43
N TRP A 52 10.01 0.11 -0.46
CA TRP A 52 8.70 0.34 -1.06
C TRP A 52 8.82 0.74 -2.52
N THR A 53 8.07 0.08 -3.37
CA THR A 53 7.96 0.47 -4.78
C THR A 53 6.51 0.56 -5.22
N TYR A 54 6.12 1.74 -5.72
CA TYR A 54 4.77 1.94 -6.22
C TYR A 54 4.69 1.70 -7.72
N ASP A 55 3.82 0.78 -8.11
CA ASP A 55 3.54 0.54 -9.53
C ASP A 55 2.23 1.17 -9.95
N ASP A 56 2.32 2.32 -10.63
CA ASP A 56 1.14 3.06 -11.05
C ASP A 56 0.34 2.30 -12.10
N ALA A 57 1.04 1.48 -12.89
CA ALA A 57 0.41 0.71 -13.95
C ALA A 57 -0.62 -0.26 -13.39
N THR A 58 -0.31 -0.84 -12.24
CA THR A 58 -1.20 -1.81 -11.61
C THR A 58 -1.71 -1.30 -10.27
N LYS A 59 -1.38 -0.05 -9.95
CA LYS A 59 -1.84 0.57 -8.72
C LYS A 59 -1.52 -0.30 -7.51
N THR A 60 -0.34 -0.91 -7.52
CA THR A 60 0.03 -1.89 -6.51
C THR A 60 1.40 -1.58 -5.91
N PHE A 61 1.51 -1.74 -4.59
CA PHE A 61 2.77 -1.48 -3.89
C PHE A 61 3.54 -2.77 -3.65
N THR A 62 4.86 -2.71 -3.83
CA THR A 62 5.71 -3.85 -3.57
C THR A 62 6.70 -3.55 -2.45
N VAL A 63 6.79 -4.46 -1.48
CA VAL A 63 7.75 -4.34 -0.39
C VAL A 63 8.72 -5.51 -0.39
N THR A 64 10.00 -5.20 -0.59
CA THR A 64 11.04 -6.22 -0.66
C THR A 64 12.07 -6.06 0.45
N GLU A 65 12.33 -7.14 1.18
CA GLU A 65 13.33 -7.13 2.23
C GLU A 65 14.65 -7.72 1.74
N HIS A 1 -13.95 5.60 -5.45
CA HIS A 1 -12.62 5.45 -4.88
C HIS A 1 -11.69 4.71 -5.84
N THR A 2 -10.40 4.80 -5.57
CA THR A 2 -9.40 4.07 -6.35
C THR A 2 -8.85 2.89 -5.56
N THR A 3 -8.83 1.71 -6.17
CA THR A 3 -8.41 0.50 -5.50
C THR A 3 -6.89 0.37 -5.52
N TYR A 4 -6.29 0.22 -4.34
CA TYR A 4 -4.86 -0.06 -4.22
C TYR A 4 -4.61 -1.35 -3.46
N LYS A 5 -3.51 -2.02 -3.79
CA LYS A 5 -3.14 -3.25 -3.11
C LYS A 5 -1.67 -3.21 -2.67
N LEU A 6 -1.42 -3.68 -1.45
CA LEU A 6 -0.06 -3.85 -0.97
C LEU A 6 0.40 -5.30 -1.12
N VAL A 7 1.50 -5.49 -1.83
CA VAL A 7 2.06 -6.83 -2.01
C VAL A 7 3.43 -6.95 -1.35
N ILE A 8 3.46 -7.60 -0.19
CA ILE A 8 4.71 -7.87 0.51
C ILE A 8 5.25 -9.26 0.17
N ASN A 9 6.43 -9.29 -0.44
CA ASN A 9 7.01 -10.54 -0.90
C ASN A 9 8.52 -10.58 -0.68
N GLY A 10 8.92 -10.60 0.58
CA GLY A 10 10.32 -10.70 0.94
C GLY A 10 10.72 -12.14 1.22
N LYS A 11 11.82 -12.32 1.93
CA LYS A 11 12.27 -13.66 2.32
C LYS A 11 11.40 -14.24 3.43
N THR A 12 11.28 -13.50 4.52
CA THR A 12 10.48 -13.95 5.66
C THR A 12 9.25 -13.09 5.84
N LEU A 13 9.30 -11.86 5.35
CA LEU A 13 8.18 -10.93 5.45
C LEU A 13 7.28 -11.01 4.23
N LYS A 14 6.06 -11.50 4.42
CA LYS A 14 5.10 -11.63 3.34
C LYS A 14 3.69 -11.29 3.80
N GLY A 15 2.87 -10.81 2.88
CA GLY A 15 1.47 -10.52 3.18
C GLY A 15 0.86 -9.59 2.13
N GLU A 16 -0.44 -9.74 1.89
CA GLU A 16 -1.14 -8.89 0.94
C GLU A 16 -2.39 -8.28 1.56
N THR A 17 -2.70 -7.05 1.18
CA THR A 17 -3.91 -6.37 1.66
C THR A 17 -4.31 -5.26 0.71
N THR A 18 -5.59 -4.88 0.77
CA THR A 18 -6.10 -3.78 -0.06
C THR A 18 -6.80 -2.74 0.80
N THR A 19 -7.02 -1.56 0.22
CA THR A 19 -7.77 -0.50 0.89
C THR A 19 -8.27 0.53 -0.12
N GLU A 20 -9.34 1.23 0.25
CA GLU A 20 -9.82 2.36 -0.54
C GLU A 20 -10.10 3.57 0.36
N PRO A 21 -9.10 4.43 0.50
CA PRO A 21 -9.22 5.60 1.37
C PRO A 21 -10.39 6.48 0.94
N PRO A 22 -11.09 7.04 1.92
CA PRO A 22 -12.20 7.95 1.65
C PRO A 22 -11.77 9.09 0.76
N ASP A 23 -12.52 9.32 -0.32
CA ASP A 23 -12.28 10.45 -1.20
C ASP A 23 -12.67 11.77 -0.54
N THR A 24 -11.83 12.23 0.38
CA THR A 24 -12.14 13.43 1.16
C THR A 24 -12.32 14.64 0.26
N ASN A 25 -11.49 14.73 -0.78
CA ASN A 25 -11.48 15.89 -1.65
C ASN A 25 -12.67 15.87 -2.61
N ARG A 26 -13.31 14.71 -2.72
CA ARG A 26 -14.41 14.53 -3.65
C ARG A 26 -13.98 14.80 -5.09
N ASP A 27 -12.86 14.21 -5.48
CA ASP A 27 -12.33 14.40 -6.82
C ASP A 27 -12.76 13.28 -7.76
N GLY A 28 -13.32 12.23 -7.18
CA GLY A 28 -13.74 11.06 -7.95
C GLY A 28 -12.61 10.04 -8.06
N ARG A 29 -11.59 10.22 -7.23
CA ARG A 29 -10.43 9.33 -7.26
C ARG A 29 -9.60 9.48 -5.99
N VAL A 30 -8.73 8.50 -5.73
CA VAL A 30 -7.88 8.52 -4.55
C VAL A 30 -6.41 8.41 -4.93
N ASP A 31 -5.58 9.27 -4.35
CA ASP A 31 -4.15 9.25 -4.59
C ASP A 31 -3.49 8.06 -3.88
N TYR A 32 -2.47 7.49 -4.52
CA TYR A 32 -1.76 6.36 -3.94
C TYR A 32 -1.11 6.73 -2.61
N LYS A 33 -0.82 8.01 -2.44
CA LYS A 33 -0.19 8.50 -1.22
C LYS A 33 -1.07 8.25 -0.01
N ASP A 34 -2.38 8.33 -0.21
CA ASP A 34 -3.34 8.08 0.86
C ASP A 34 -3.37 6.60 1.23
N ALA A 35 -3.43 5.75 0.22
CA ALA A 35 -3.37 4.31 0.43
C ALA A 35 -2.01 3.88 0.97
N GLU A 36 -0.96 4.57 0.53
CA GLU A 36 0.39 4.28 0.97
C GLU A 36 0.53 4.43 2.48
N LYS A 37 0.04 5.55 3.00
CA LYS A 37 0.08 5.81 4.43
C LYS A 37 -0.64 4.71 5.21
N VAL A 38 -1.79 4.29 4.70
CA VAL A 38 -2.53 3.19 5.30
C VAL A 38 -1.73 1.89 5.24
N PHE A 39 -1.09 1.65 4.10
CA PHE A 39 -0.33 0.42 3.90
C PHE A 39 0.92 0.40 4.76
N LYS A 40 1.51 1.57 4.98
CA LYS A 40 2.67 1.70 5.86
C LYS A 40 2.31 1.37 7.30
N GLN A 41 1.12 1.80 7.72
CA GLN A 41 0.60 1.44 9.04
C GLN A 41 0.36 -0.06 9.15
N TYR A 42 -0.18 -0.65 8.09
CA TYR A 42 -0.34 -2.09 8.02
C TYR A 42 0.99 -2.81 8.21
N ALA A 43 2.00 -2.38 7.46
CA ALA A 43 3.35 -2.93 7.58
C ALA A 43 3.89 -2.76 8.99
N ASN A 44 3.68 -1.57 9.56
CA ASN A 44 4.18 -1.27 10.89
C ASN A 44 3.53 -2.16 11.93
N ASP A 45 2.26 -2.48 11.73
CA ASP A 45 1.52 -3.35 12.64
C ASP A 45 2.10 -4.76 12.63
N ASN A 46 2.49 -5.23 11.45
CA ASN A 46 3.07 -6.56 11.30
C ASN A 46 4.56 -6.55 11.57
N GLY A 47 5.15 -5.36 11.51
CA GLY A 47 6.58 -5.20 11.77
C GLY A 47 7.39 -5.40 10.50
N VAL A 48 6.75 -5.19 9.35
CA VAL A 48 7.42 -5.33 8.06
C VAL A 48 8.19 -4.06 7.71
N ASP A 49 9.47 -4.23 7.37
CA ASP A 49 10.33 -3.10 7.05
C ASP A 49 11.41 -3.50 6.04
N GLY A 50 11.16 -3.19 4.78
CA GLY A 50 12.11 -3.50 3.71
C GLY A 50 12.09 -2.43 2.63
N GLU A 51 12.41 -2.82 1.40
CA GLU A 51 12.40 -1.91 0.27
C GLU A 51 10.97 -1.58 -0.16
N TRP A 52 10.64 -0.29 -0.15
CA TRP A 52 9.26 0.13 -0.41
C TRP A 52 9.16 0.84 -1.75
N THR A 53 8.51 0.18 -2.71
CA THR A 53 8.30 0.77 -4.03
C THR A 53 6.82 0.77 -4.41
N TYR A 54 6.50 1.42 -5.52
CA TYR A 54 5.11 1.55 -5.95
C TYR A 54 4.99 1.43 -7.46
N ASP A 55 4.04 0.63 -7.91
CA ASP A 55 3.78 0.45 -9.34
C ASP A 55 2.48 1.13 -9.74
N ASP A 56 2.60 2.30 -10.36
CA ASP A 56 1.44 3.09 -10.76
C ASP A 56 0.68 2.40 -11.89
N ALA A 57 1.39 1.61 -12.69
CA ALA A 57 0.78 0.92 -13.82
C ALA A 57 -0.31 -0.04 -13.37
N THR A 58 -0.10 -0.65 -12.21
CA THR A 58 -1.05 -1.60 -11.67
C THR A 58 -1.72 -1.07 -10.41
N LYS A 59 -1.22 0.06 -9.91
CA LYS A 59 -1.74 0.66 -8.69
C LYS A 59 -1.50 -0.25 -7.49
N THR A 60 -0.34 -0.87 -7.45
CA THR A 60 0.02 -1.77 -6.35
C THR A 60 1.35 -1.38 -5.74
N PHE A 61 1.57 -1.81 -4.49
CA PHE A 61 2.83 -1.55 -3.81
C PHE A 61 3.63 -2.82 -3.62
N THR A 62 4.96 -2.70 -3.72
CA THR A 62 5.84 -3.86 -3.61
C THR A 62 6.82 -3.69 -2.45
N VAL A 63 6.83 -4.66 -1.55
CA VAL A 63 7.78 -4.65 -0.43
C VAL A 63 8.62 -5.92 -0.42
N THR A 64 9.93 -5.75 -0.45
CA THR A 64 10.86 -6.88 -0.41
C THR A 64 11.97 -6.67 0.60
N GLU A 65 12.72 -7.73 0.88
CA GLU A 65 13.84 -7.64 1.80
C GLU A 65 15.16 -7.44 1.06
#